data_1Q1E
#
_entry.id   1Q1E
#
_cell.length_a   64.615
_cell.length_b   102.041
_cell.length_c   99.288
_cell.angle_alpha   90.00
_cell.angle_beta   107.10
_cell.angle_gamma   90.00
#
_symmetry.space_group_name_H-M   'P 1 21 1'
#
_entity_poly.entity_id   1
_entity_poly.type   'polypeptide(L)'
_entity_poly.pdbx_seq_one_letter_code
;MASVQLQNVTKAWGEVVVSKDINLDIHEGEFVVFVGPSGCGKSTLLRMIAGLETITSGDLFIGEKRMNDTPPAERGVGMV
FQSYALYPHLSVAENMSFGLKLAGAKKEVINQRVNQVAEVLQLAHLLDRKPKALSGGQRQRVAIGRTLVAEPSVFLLDEP
LSNLDAALRVQMRIEISRLHKRLGRTMIYVTHDQVEAMTLADKIVVLDAGRVAQVGKPLELYHYPADRFVAGFIGSPKMN
FLPVKVTATAIDQVQVELPMPNRQQVWLPVESRDVQVGANMSLGIRPEHLLPSDIADVILEGEVQVVEQLGNETQIHIQI
PSIRQNLVYRQNDVVLVEEGATFAIGLPPERCHLFREDGTACRRLHKEPGVASASHHHHHH
;
_entity_poly.pdbx_strand_id   A,B
#
# COMPACT_ATOMS: atom_id res chain seq x y z
N VAL A 4 20.57 -24.33 -3.33
CA VAL A 4 19.52 -24.65 -4.36
C VAL A 4 19.82 -24.15 -5.77
N GLN A 5 19.66 -25.05 -6.73
CA GLN A 5 19.87 -24.74 -8.15
C GLN A 5 18.85 -25.45 -9.05
N LEU A 6 18.29 -24.71 -9.99
CA LEU A 6 17.31 -25.25 -10.92
C LEU A 6 17.91 -25.27 -12.31
N GLN A 7 17.67 -26.35 -13.04
CA GLN A 7 18.23 -26.46 -14.38
C GLN A 7 17.19 -26.95 -15.39
N ASN A 8 16.74 -26.03 -16.24
CA ASN A 8 15.74 -26.32 -17.27
C ASN A 8 14.55 -27.09 -16.72
N VAL A 9 14.13 -26.75 -15.51
CA VAL A 9 13.01 -27.41 -14.88
C VAL A 9 11.71 -27.03 -15.57
N THR A 10 10.97 -28.05 -16.01
CA THR A 10 9.68 -27.81 -16.68
C THR A 10 8.58 -28.67 -16.05
N LYS A 11 7.36 -28.16 -16.15
CA LYS A 11 6.19 -28.85 -15.60
C LYS A 11 5.05 -28.73 -16.60
N ALA A 12 4.50 -29.87 -17.01
CA ALA A 12 3.39 -29.85 -17.95
C ALA A 12 2.44 -31.01 -17.73
N TRP A 13 1.18 -30.80 -18.13
CA TRP A 13 0.13 -31.81 -18.03
C TRP A 13 -0.25 -32.10 -19.48
N GLY A 14 0.16 -33.27 -19.96
CA GLY A 14 -0.14 -33.62 -21.33
C GLY A 14 0.68 -32.73 -22.25
N GLU A 15 0.11 -31.58 -22.62
CA GLU A 15 0.80 -30.62 -23.50
C GLU A 15 0.75 -29.22 -22.92
N VAL A 16 -0.03 -29.06 -21.85
CA VAL A 16 -0.16 -27.77 -21.19
C VAL A 16 1.11 -27.54 -20.37
N VAL A 17 1.81 -26.45 -20.66
CA VAL A 17 3.04 -26.14 -19.93
C VAL A 17 2.80 -25.02 -18.92
N VAL A 18 2.94 -25.35 -17.64
CA VAL A 18 2.76 -24.39 -16.54
C VAL A 18 4.07 -23.78 -16.03
N SER A 19 5.18 -24.46 -16.31
CA SER A 19 6.49 -24.01 -15.89
C SER A 19 7.48 -24.26 -17.03
N LYS A 20 7.88 -23.17 -17.70
CA LYS A 20 8.78 -23.23 -18.87
C LYS A 20 10.27 -23.27 -18.54
N ASP A 21 10.88 -24.45 -18.62
CA ASP A 21 12.31 -24.64 -18.31
C ASP A 21 12.94 -23.47 -17.55
N ILE A 22 12.85 -23.57 -16.23
CA ILE A 22 13.34 -22.55 -15.33
C ILE A 22 14.78 -22.76 -14.88
N ASN A 23 15.57 -21.70 -15.00
CA ASN A 23 16.98 -21.74 -14.60
C ASN A 23 17.21 -20.80 -13.43
N LEU A 24 17.64 -21.35 -12.31
CA LEU A 24 17.91 -20.53 -11.16
C LEU A 24 19.13 -21.05 -10.44
N ASP A 25 19.80 -20.16 -9.72
CA ASP A 25 20.98 -20.50 -8.95
C ASP A 25 20.84 -19.74 -7.63
N ILE A 26 20.41 -20.43 -6.58
CA ILE A 26 20.24 -19.77 -5.29
C ILE A 26 21.41 -20.08 -4.33
N HIS A 27 22.27 -19.09 -4.13
CA HIS A 27 23.44 -19.23 -3.23
C HIS A 27 23.00 -19.40 -1.78
N GLU A 28 23.80 -20.10 -0.99
CA GLU A 28 23.43 -20.34 0.41
C GLU A 28 23.23 -19.09 1.25
N GLY A 29 22.19 -19.14 2.08
CA GLY A 29 21.89 -18.01 2.95
C GLY A 29 20.99 -16.95 2.33
N GLU A 30 20.83 -16.98 1.01
CA GLU A 30 20.01 -16.00 0.31
C GLU A 30 18.52 -16.08 0.62
N PHE A 31 17.89 -14.91 0.69
CA PHE A 31 16.44 -14.82 0.93
C PHE A 31 15.86 -14.53 -0.44
N VAL A 32 15.25 -15.55 -1.05
CA VAL A 32 14.69 -15.37 -2.37
C VAL A 32 13.19 -15.24 -2.31
N VAL A 33 12.64 -14.40 -3.18
CA VAL A 33 11.20 -14.25 -3.27
C VAL A 33 10.76 -14.29 -4.73
N PHE A 34 9.77 -15.14 -5.00
CA PHE A 34 9.19 -15.33 -6.31
C PHE A 34 8.00 -14.36 -6.38
N VAL A 35 8.00 -13.43 -7.35
CA VAL A 35 6.89 -12.48 -7.52
C VAL A 35 6.35 -12.50 -8.93
N GLY A 36 5.09 -12.13 -9.06
CA GLY A 36 4.44 -12.11 -10.36
C GLY A 36 2.93 -12.15 -10.22
N PRO A 37 2.19 -11.76 -11.27
CA PRO A 37 0.73 -11.74 -11.28
C PRO A 37 0.10 -13.08 -10.97
N SER A 38 -1.20 -13.05 -10.69
CA SER A 38 -1.95 -14.25 -10.36
C SER A 38 -1.89 -15.26 -11.50
N GLY A 39 -1.57 -16.50 -11.14
CA GLY A 39 -1.49 -17.57 -12.11
C GLY A 39 -0.26 -17.58 -13.00
N CYS A 40 0.84 -16.99 -12.53
CA CYS A 40 2.08 -16.96 -13.31
C CYS A 40 2.87 -18.23 -13.08
N GLY A 41 2.54 -18.94 -12.00
CA GLY A 41 3.22 -20.19 -11.68
C GLY A 41 4.19 -20.12 -10.53
N LYS A 42 4.11 -19.06 -9.74
CA LYS A 42 5.01 -18.91 -8.61
C LYS A 42 4.81 -19.97 -7.51
N SER A 43 3.56 -20.35 -7.25
CA SER A 43 3.31 -21.34 -6.21
C SER A 43 3.61 -22.76 -6.67
N THR A 44 3.31 -23.07 -7.93
CA THR A 44 3.58 -24.41 -8.45
C THR A 44 5.09 -24.62 -8.42
N LEU A 45 5.84 -23.59 -8.81
CA LEU A 45 7.30 -23.68 -8.80
C LEU A 45 7.75 -23.98 -7.38
N LEU A 46 7.24 -23.24 -6.40
CA LEU A 46 7.65 -23.51 -5.02
C LEU A 46 7.33 -24.95 -4.61
N ARG A 47 6.07 -25.35 -4.82
CA ARG A 47 5.62 -26.70 -4.48
C ARG A 47 6.52 -27.75 -5.14
N MET A 48 7.00 -27.47 -6.35
CA MET A 48 7.90 -28.43 -6.99
C MET A 48 9.21 -28.61 -6.17
N ILE A 49 9.77 -27.50 -5.70
CA ILE A 49 11.00 -27.55 -4.91
C ILE A 49 10.73 -28.30 -3.61
N ALA A 50 9.52 -28.12 -3.10
CA ALA A 50 9.12 -28.78 -1.87
C ALA A 50 8.93 -30.27 -2.04
N GLY A 51 8.48 -30.68 -3.23
CA GLY A 51 8.21 -32.08 -3.47
C GLY A 51 6.72 -32.38 -3.36
N LEU A 52 5.89 -31.34 -3.38
CA LEU A 52 4.44 -31.50 -3.29
C LEU A 52 3.81 -31.59 -4.70
N GLU A 53 4.66 -31.48 -5.72
CA GLU A 53 4.27 -31.57 -7.13
C GLU A 53 5.49 -32.14 -7.87
N THR A 54 5.23 -32.94 -8.90
CA THR A 54 6.32 -33.56 -9.65
C THR A 54 6.93 -32.63 -10.69
N ILE A 55 8.18 -32.91 -11.05
CA ILE A 55 8.90 -32.13 -12.07
C ILE A 55 8.85 -33.01 -13.31
N THR A 56 8.27 -32.53 -14.41
CA THR A 56 8.18 -33.41 -15.59
C THR A 56 9.53 -33.65 -16.28
N SER A 57 10.37 -32.62 -16.34
CA SER A 57 11.69 -32.76 -16.93
C SER A 57 12.57 -31.65 -16.36
N GLY A 58 13.88 -31.91 -16.26
CA GLY A 58 14.80 -30.92 -15.72
C GLY A 58 15.45 -31.44 -14.45
N ASP A 59 16.41 -30.67 -13.93
CA ASP A 59 17.14 -31.08 -12.73
C ASP A 59 16.98 -30.15 -11.53
N LEU A 60 16.67 -30.72 -10.37
CA LEU A 60 16.56 -29.91 -9.17
C LEU A 60 17.71 -30.27 -8.23
N PHE A 61 18.63 -29.33 -8.02
CA PHE A 61 19.74 -29.60 -7.12
C PHE A 61 19.57 -28.84 -5.81
N ILE A 62 19.68 -29.58 -4.70
CA ILE A 62 19.59 -28.98 -3.38
C ILE A 62 20.83 -29.43 -2.63
N GLY A 63 21.69 -28.48 -2.28
CA GLY A 63 22.90 -28.84 -1.60
C GLY A 63 24.01 -29.00 -2.63
N GLU A 64 23.77 -29.85 -3.63
CA GLU A 64 24.75 -30.08 -4.69
C GLU A 64 24.38 -31.36 -5.44
N LYS A 65 23.46 -32.13 -4.86
CA LYS A 65 23.01 -33.39 -5.45
C LYS A 65 21.56 -33.36 -5.94
N ARG A 66 21.29 -34.08 -7.04
CA ARG A 66 19.95 -34.15 -7.61
C ARG A 66 18.96 -34.64 -6.56
N MET A 67 17.83 -33.93 -6.49
CA MET A 67 16.81 -34.24 -5.48
C MET A 67 15.56 -34.86 -6.10
N ASN A 68 15.40 -34.77 -7.41
CA ASN A 68 14.26 -35.48 -8.01
C ASN A 68 14.47 -36.93 -7.64
N ASP A 69 13.42 -37.71 -7.60
CA ASP A 69 13.57 -39.13 -7.26
C ASP A 69 13.79 -39.33 -5.75
N THR A 70 14.13 -38.27 -5.03
CA THR A 70 14.35 -38.40 -3.59
C THR A 70 13.11 -38.00 -2.80
N PRO A 71 12.66 -38.86 -1.86
CA PRO A 71 11.48 -38.57 -1.04
C PRO A 71 11.55 -37.15 -0.48
N PRO A 72 10.46 -36.38 -0.60
CA PRO A 72 10.43 -35.01 -0.10
C PRO A 72 10.94 -34.77 1.33
N ALA A 73 10.79 -35.77 2.18
CA ALA A 73 11.23 -35.65 3.57
C ALA A 73 12.76 -35.67 3.73
N GLU A 74 13.44 -36.41 2.88
CA GLU A 74 14.89 -36.53 2.94
C GLU A 74 15.63 -35.56 2.01
N ARG A 75 14.99 -34.48 1.60
CA ARG A 75 15.61 -33.51 0.70
C ARG A 75 16.31 -32.40 1.48
N GLY A 76 15.92 -32.23 2.74
CA GLY A 76 16.51 -31.18 3.53
C GLY A 76 15.72 -29.91 3.43
N VAL A 77 14.60 -29.95 2.70
CA VAL A 77 13.79 -28.75 2.57
C VAL A 77 12.64 -28.79 3.57
N GLY A 78 12.20 -27.61 4.00
CA GLY A 78 11.12 -27.51 4.96
C GLY A 78 10.10 -26.47 4.56
N MET A 79 8.88 -26.92 4.32
CA MET A 79 7.78 -26.06 3.91
C MET A 79 6.89 -25.72 5.09
N VAL A 80 6.47 -24.47 5.19
CA VAL A 80 5.58 -24.10 6.28
C VAL A 80 4.14 -24.44 5.82
N PHE A 81 3.56 -25.47 6.40
CA PHE A 81 2.20 -25.89 6.03
C PHE A 81 1.10 -25.04 6.66
N GLN A 82 0.86 -23.89 6.08
CA GLN A 82 -0.14 -22.95 6.57
C GLN A 82 -1.55 -23.42 6.90
N SER A 83 -1.96 -24.59 6.40
CA SER A 83 -3.33 -25.07 6.67
C SER A 83 -3.42 -26.34 7.50
N TYR A 84 -2.29 -26.78 8.06
CA TYR A 84 -2.26 -27.99 8.90
C TYR A 84 -2.69 -27.61 10.30
N ALA A 85 -3.99 -27.73 10.55
CA ALA A 85 -4.58 -27.37 11.85
C ALA A 85 -3.87 -27.99 13.06
N LEU A 86 -3.58 -27.16 14.06
CA LEU A 86 -2.93 -27.61 15.27
C LEU A 86 -3.75 -28.72 15.92
N TYR A 87 -3.08 -29.66 16.58
CA TYR A 87 -3.75 -30.76 17.25
C TYR A 87 -4.31 -30.25 18.56
N PRO A 88 -5.62 -29.96 18.60
CA PRO A 88 -6.23 -29.48 19.84
C PRO A 88 -5.96 -30.50 20.95
N HIS A 89 -5.96 -30.06 22.20
CA HIS A 89 -5.71 -30.96 23.32
C HIS A 89 -4.23 -31.37 23.37
N LEU A 90 -3.38 -30.51 22.83
CA LEU A 90 -1.94 -30.71 22.82
C LEU A 90 -1.26 -29.37 23.05
N SER A 91 -0.15 -29.40 23.78
CA SER A 91 0.58 -28.16 24.07
C SER A 91 1.41 -27.70 22.89
N VAL A 92 1.67 -26.40 22.85
CA VAL A 92 2.47 -25.83 21.78
C VAL A 92 3.71 -26.69 21.55
N ALA A 93 4.24 -27.24 22.64
CA ALA A 93 5.43 -28.07 22.57
C ALA A 93 5.14 -29.42 21.93
N GLU A 94 4.02 -30.02 22.33
CA GLU A 94 3.60 -31.31 21.81
C GLU A 94 3.28 -31.20 20.32
N ASN A 95 2.73 -30.07 19.91
CA ASN A 95 2.40 -29.83 18.50
C ASN A 95 3.66 -29.69 17.66
N MET A 96 4.59 -28.86 18.14
CA MET A 96 5.85 -28.65 17.43
C MET A 96 6.66 -29.93 17.34
N SER A 97 6.66 -30.70 18.43
CA SER A 97 7.43 -31.94 18.49
C SER A 97 6.70 -33.14 17.92
N PHE A 98 5.40 -32.99 17.70
CA PHE A 98 4.57 -34.07 17.18
C PHE A 98 5.25 -34.86 16.07
N GLY A 99 5.65 -34.15 15.03
CA GLY A 99 6.28 -34.76 13.84
C GLY A 99 7.58 -35.50 14.20
N LEU A 100 8.26 -35.02 15.21
CA LEU A 100 9.53 -35.63 15.63
C LEU A 100 9.30 -36.90 16.45
N LYS A 101 8.03 -37.18 16.71
CA LYS A 101 7.66 -38.37 17.49
C LYS A 101 7.58 -39.61 16.61
N LEU A 102 6.69 -39.60 15.63
CA LEU A 102 6.54 -40.76 14.74
C LEU A 102 7.89 -41.12 14.07
N ALA A 103 8.71 -40.10 13.89
CA ALA A 103 10.04 -40.25 13.26
C ALA A 103 10.95 -41.12 14.14
N GLY A 104 10.75 -41.03 15.45
CA GLY A 104 11.50 -41.87 16.42
C GLY A 104 12.49 -41.09 17.29
N ALA A 105 12.45 -39.76 17.22
CA ALA A 105 13.37 -38.92 18.01
C ALA A 105 13.31 -39.26 19.49
N LYS A 106 14.35 -38.87 20.21
CA LYS A 106 14.45 -39.12 21.65
C LYS A 106 14.01 -37.87 22.40
N LYS A 107 13.45 -38.03 23.60
CA LYS A 107 13.01 -36.87 24.37
C LYS A 107 14.12 -35.85 24.51
N GLU A 108 15.36 -36.35 24.51
CA GLU A 108 16.53 -35.50 24.62
C GLU A 108 16.59 -34.49 23.48
N VAL A 109 16.65 -34.96 22.24
CA VAL A 109 16.69 -34.06 21.10
C VAL A 109 15.41 -33.24 21.00
N ILE A 110 14.27 -33.91 21.20
CA ILE A 110 12.97 -33.24 21.16
C ILE A 110 12.94 -32.01 22.06
N ASN A 111 13.01 -32.24 23.37
CA ASN A 111 13.00 -31.15 24.35
C ASN A 111 14.36 -30.49 24.39
N GLN A 112 14.84 -30.02 23.25
CA GLN A 112 16.13 -29.35 23.17
C GLN A 112 16.10 -28.56 21.90
N ARG A 113 15.46 -29.15 20.90
CA ARG A 113 15.28 -28.49 19.61
C ARG A 113 13.99 -27.69 19.73
N VAL A 114 13.17 -28.07 20.69
CA VAL A 114 11.92 -27.37 20.95
C VAL A 114 12.20 -26.11 21.76
N ASN A 115 13.29 -26.12 22.53
CA ASN A 115 13.64 -24.96 23.35
C ASN A 115 14.44 -23.97 22.54
N GLN A 116 15.09 -24.46 21.49
CA GLN A 116 15.89 -23.61 20.63
C GLN A 116 14.98 -22.82 19.66
N VAL A 117 13.99 -23.50 19.08
CA VAL A 117 13.09 -22.81 18.16
C VAL A 117 12.19 -21.93 19.00
N ALA A 118 11.93 -22.36 20.22
CA ALA A 118 11.09 -21.60 21.13
C ALA A 118 11.69 -20.23 21.43
N GLU A 119 13.01 -20.08 21.25
CA GLU A 119 13.65 -18.80 21.49
C GLU A 119 13.54 -17.90 20.28
N VAL A 120 14.02 -18.38 19.13
CA VAL A 120 13.96 -17.59 17.91
C VAL A 120 12.55 -17.11 17.59
N LEU A 121 11.55 -17.91 17.95
CA LEU A 121 10.16 -17.54 17.67
C LEU A 121 9.40 -16.94 18.84
N GLN A 122 10.06 -16.79 19.99
CA GLN A 122 9.44 -16.21 21.18
C GLN A 122 8.17 -16.97 21.60
N LEU A 123 8.34 -18.23 22.02
CA LEU A 123 7.21 -19.06 22.44
C LEU A 123 7.52 -19.81 23.72
N ALA A 124 8.73 -19.65 24.23
CA ALA A 124 9.16 -20.34 25.45
C ALA A 124 8.16 -20.25 26.58
N HIS A 125 7.59 -19.07 26.75
CA HIS A 125 6.62 -18.85 27.82
C HIS A 125 5.20 -19.28 27.43
N LEU A 126 5.06 -19.94 26.28
CA LEU A 126 3.76 -20.42 25.81
C LEU A 126 3.81 -21.89 25.48
N LEU A 127 4.99 -22.48 25.52
CA LEU A 127 5.19 -23.89 25.21
C LEU A 127 4.06 -24.81 25.68
N ASP A 128 3.95 -24.99 26.99
CA ASP A 128 2.88 -25.84 27.51
C ASP A 128 1.58 -25.06 27.65
N ARG A 129 0.93 -24.80 26.53
CA ARG A 129 -0.33 -24.08 26.49
C ARG A 129 -1.20 -24.78 25.45
N LYS A 130 -2.51 -24.63 25.58
CA LYS A 130 -3.42 -25.25 24.61
C LYS A 130 -3.59 -24.26 23.47
N PRO A 131 -3.79 -24.77 22.24
CA PRO A 131 -3.98 -23.87 21.09
C PRO A 131 -5.18 -22.96 21.32
N LYS A 132 -6.24 -23.55 21.84
CA LYS A 132 -7.49 -22.86 22.14
C LYS A 132 -7.25 -21.56 22.92
N ALA A 133 -6.09 -21.46 23.56
CA ALA A 133 -5.77 -20.28 24.35
C ALA A 133 -4.77 -19.34 23.66
N LEU A 134 -4.39 -19.67 22.42
CA LEU A 134 -3.44 -18.86 21.66
C LEU A 134 -4.11 -17.93 20.65
N SER A 135 -3.53 -16.75 20.46
CA SER A 135 -4.07 -15.78 19.50
C SER A 135 -3.68 -16.16 18.08
N GLY A 136 -4.30 -15.51 17.09
CA GLY A 136 -3.99 -15.80 15.71
C GLY A 136 -2.53 -15.55 15.39
N GLY A 137 -2.03 -14.39 15.83
CA GLY A 137 -0.65 -14.04 15.58
C GLY A 137 0.35 -15.07 16.08
N GLN A 138 0.07 -15.71 17.21
CA GLN A 138 1.01 -16.70 17.74
C GLN A 138 0.75 -18.13 17.27
N ARG A 139 -0.41 -18.36 16.65
CA ARG A 139 -0.70 -19.68 16.12
C ARG A 139 0.11 -19.82 14.84
N GLN A 140 0.28 -18.69 14.16
CA GLN A 140 1.03 -18.62 12.93
C GLN A 140 2.46 -19.02 13.26
N ARG A 141 3.00 -18.46 14.33
CA ARG A 141 4.36 -18.75 14.75
C ARG A 141 4.58 -20.21 15.14
N VAL A 142 3.56 -20.86 15.71
CA VAL A 142 3.70 -22.26 16.08
C VAL A 142 3.93 -23.09 14.82
N ALA A 143 3.28 -22.71 13.72
CA ALA A 143 3.41 -23.39 12.44
C ALA A 143 4.86 -23.31 11.95
N ILE A 144 5.43 -22.11 12.02
CA ILE A 144 6.81 -21.88 11.61
C ILE A 144 7.73 -22.70 12.49
N GLY A 145 7.42 -22.75 13.79
CA GLY A 145 8.22 -23.50 14.74
C GLY A 145 8.15 -24.98 14.45
N ARG A 146 6.99 -25.39 13.96
CA ARG A 146 6.76 -26.78 13.60
C ARG A 146 7.78 -27.21 12.53
N THR A 147 7.95 -26.41 11.48
CA THR A 147 8.88 -26.74 10.41
C THR A 147 10.35 -26.46 10.77
N LEU A 148 10.59 -25.63 11.79
CA LEU A 148 11.95 -25.34 12.22
C LEU A 148 12.60 -26.38 13.14
N VAL A 149 11.82 -27.22 13.83
CA VAL A 149 12.45 -28.23 14.69
C VAL A 149 12.99 -29.39 13.88
N ALA A 150 12.52 -29.57 12.66
CA ALA A 150 13.01 -30.64 11.80
C ALA A 150 14.38 -30.21 11.28
N GLU A 151 14.77 -29.00 11.65
CA GLU A 151 16.04 -28.42 11.27
C GLU A 151 16.39 -28.53 9.79
N PRO A 152 15.62 -27.85 8.93
CA PRO A 152 15.79 -27.85 7.47
C PRO A 152 16.91 -26.90 7.08
N SER A 153 17.41 -27.06 5.86
CA SER A 153 18.48 -26.23 5.34
C SER A 153 17.96 -25.25 4.30
N VAL A 154 16.70 -25.43 3.89
CA VAL A 154 16.04 -24.54 2.94
C VAL A 154 14.63 -24.34 3.47
N PHE A 155 14.35 -23.13 3.93
CA PHE A 155 13.06 -22.79 4.50
C PHE A 155 12.17 -22.29 3.36
N LEU A 156 10.97 -22.88 3.22
CA LEU A 156 10.05 -22.48 2.16
C LEU A 156 8.70 -22.03 2.69
N LEU A 157 8.27 -20.84 2.27
CA LEU A 157 6.99 -20.29 2.67
C LEU A 157 6.21 -19.81 1.44
N ASP A 158 4.92 -20.11 1.39
CA ASP A 158 4.08 -19.69 0.26
C ASP A 158 3.25 -18.45 0.64
N GLU A 159 2.50 -17.91 -0.31
CA GLU A 159 1.67 -16.73 -0.06
C GLU A 159 0.64 -16.85 1.04
N PRO A 160 0.64 -15.91 1.99
CA PRO A 160 -0.32 -15.94 3.09
C PRO A 160 -1.70 -15.61 2.52
N LEU A 161 -2.69 -16.47 2.74
CA LEU A 161 -4.04 -16.22 2.24
C LEU A 161 -4.65 -14.95 2.81
N SER A 162 -3.84 -14.14 3.50
CA SER A 162 -4.31 -12.90 4.11
C SER A 162 -4.64 -11.83 3.04
N ASN A 163 -4.16 -10.61 3.26
CA ASN A 163 -4.45 -9.49 2.31
C ASN A 163 -3.62 -8.21 2.67
N LEU A 164 -2.35 -8.33 2.37
CA LEU A 164 -1.29 -7.27 2.44
C LEU A 164 -1.43 -6.16 3.50
N ASP A 165 -2.62 -5.86 3.93
CA ASP A 165 -2.80 -4.83 4.97
C ASP A 165 -3.38 -5.62 6.15
N ALA A 166 -3.88 -6.83 5.88
CA ALA A 166 -4.45 -7.69 6.92
C ALA A 166 -3.39 -7.89 8.01
N ALA A 167 -3.70 -7.41 9.21
CA ALA A 167 -2.79 -7.50 10.35
C ALA A 167 -2.01 -8.81 10.45
N LEU A 168 -2.68 -9.92 10.21
CA LEU A 168 -2.04 -11.23 10.30
C LEU A 168 -0.90 -11.42 9.29
N ARG A 169 -0.98 -10.73 8.17
CA ARG A 169 0.05 -10.83 7.13
C ARG A 169 1.20 -9.87 7.40
N VAL A 170 0.93 -8.82 8.16
CA VAL A 170 1.97 -7.86 8.52
C VAL A 170 2.86 -8.58 9.54
N GLN A 171 2.22 -9.34 10.42
CA GLN A 171 2.93 -10.12 11.42
C GLN A 171 3.87 -11.06 10.68
N MET A 172 3.28 -11.86 9.79
CA MET A 172 4.01 -12.82 8.99
C MET A 172 5.26 -12.19 8.39
N ARG A 173 5.06 -11.07 7.71
CA ARG A 173 6.15 -10.36 7.06
C ARG A 173 7.28 -9.97 8.00
N ILE A 174 6.95 -9.54 9.21
CA ILE A 174 7.95 -9.14 10.20
C ILE A 174 8.67 -10.36 10.76
N GLU A 175 7.91 -11.42 10.99
CA GLU A 175 8.49 -12.63 11.52
C GLU A 175 9.49 -13.22 10.51
N ILE A 176 9.12 -13.20 9.22
CA ILE A 176 9.95 -13.72 8.13
C ILE A 176 11.32 -13.05 8.11
N SER A 177 11.33 -11.73 8.05
CA SER A 177 12.58 -10.99 8.03
C SER A 177 13.36 -11.16 9.33
N ARG A 178 12.65 -11.21 10.45
CA ARG A 178 13.28 -11.40 11.75
C ARG A 178 14.00 -12.74 11.72
N LEU A 179 13.27 -13.77 11.30
CA LEU A 179 13.81 -15.12 11.23
C LEU A 179 15.04 -15.17 10.32
N HIS A 180 15.03 -14.42 9.23
CA HIS A 180 16.16 -14.42 8.32
C HIS A 180 17.40 -13.82 9.00
N LYS A 181 17.22 -12.65 9.60
CA LYS A 181 18.30 -11.98 10.32
C LYS A 181 18.26 -12.62 11.70
N ARG A 182 18.75 -13.86 11.78
CA ARG A 182 18.75 -14.60 13.03
C ARG A 182 19.36 -15.97 12.80
N LEU A 183 18.88 -16.66 11.76
CA LEU A 183 19.41 -17.99 11.44
C LEU A 183 20.24 -17.92 10.16
N GLY A 184 20.02 -16.86 9.38
CA GLY A 184 20.72 -16.64 8.13
C GLY A 184 20.65 -17.79 7.15
N ARG A 185 19.67 -18.67 7.29
CA ARG A 185 19.52 -19.83 6.41
C ARG A 185 18.84 -19.49 5.09
N THR A 186 18.96 -20.39 4.10
CA THR A 186 18.33 -20.16 2.81
C THR A 186 16.80 -20.19 2.92
N MET A 187 16.14 -19.15 2.39
CA MET A 187 14.68 -19.04 2.42
C MET A 187 14.10 -18.72 1.06
N ILE A 188 12.88 -19.19 0.80
CA ILE A 188 12.17 -18.88 -0.45
C ILE A 188 10.71 -18.54 -0.16
N TYR A 189 10.34 -17.29 -0.42
CA TYR A 189 9.00 -16.76 -0.18
C TYR A 189 8.29 -16.40 -1.50
N VAL A 190 6.96 -16.53 -1.50
CA VAL A 190 6.16 -16.24 -2.70
C VAL A 190 5.09 -15.19 -2.38
N THR A 191 4.93 -14.22 -3.27
CA THR A 191 3.94 -13.17 -3.11
C THR A 191 3.60 -12.58 -4.47
N HIS A 192 2.49 -11.86 -4.54
CA HIS A 192 2.08 -11.23 -5.80
C HIS A 192 2.35 -9.74 -5.70
N ASP A 193 2.64 -9.29 -4.47
CA ASP A 193 2.88 -7.88 -4.20
C ASP A 193 4.31 -7.43 -4.38
N GLN A 194 4.48 -6.54 -5.35
CA GLN A 194 5.76 -5.99 -5.71
C GLN A 194 6.52 -5.33 -4.55
N VAL A 195 5.79 -4.65 -3.67
CA VAL A 195 6.43 -3.96 -2.55
C VAL A 195 7.00 -4.93 -1.54
N GLU A 196 6.24 -5.96 -1.24
CA GLU A 196 6.67 -6.97 -0.29
C GLU A 196 8.04 -7.51 -0.77
N ALA A 197 8.15 -7.73 -2.08
CA ALA A 197 9.36 -8.24 -2.69
C ALA A 197 10.53 -7.32 -2.52
N MET A 198 10.36 -6.06 -2.92
CA MET A 198 11.44 -5.08 -2.79
C MET A 198 11.87 -4.88 -1.34
N THR A 199 11.00 -5.19 -0.42
CA THR A 199 11.29 -4.99 0.99
C THR A 199 12.11 -6.12 1.64
N LEU A 200 11.73 -7.37 1.41
CA LEU A 200 12.37 -8.51 2.10
C LEU A 200 13.52 -9.23 1.32
N ALA A 201 13.46 -9.18 0.01
CA ALA A 201 14.37 -9.96 -0.86
C ALA A 201 15.85 -9.51 -0.87
N ASP A 202 16.66 -10.56 -1.06
CA ASP A 202 18.11 -10.49 -1.27
C ASP A 202 18.32 -10.60 -2.78
N LYS A 203 17.40 -11.38 -3.32
CA LYS A 203 17.28 -11.70 -4.74
C LYS A 203 15.81 -11.94 -5.07
N ILE A 204 15.38 -11.38 -6.19
CA ILE A 204 13.99 -11.49 -6.64
C ILE A 204 13.90 -12.19 -7.99
N VAL A 205 12.92 -13.08 -8.16
CA VAL A 205 12.72 -13.66 -9.49
C VAL A 205 11.28 -13.37 -9.94
N VAL A 206 11.17 -12.45 -10.91
CA VAL A 206 9.91 -12.04 -11.51
C VAL A 206 9.44 -13.13 -12.48
N LEU A 207 8.19 -13.58 -12.30
CA LEU A 207 7.64 -14.63 -13.13
C LEU A 207 6.48 -14.09 -13.96
N ASP A 208 6.40 -14.55 -15.21
CA ASP A 208 5.34 -14.13 -16.12
C ASP A 208 4.97 -15.26 -17.09
N ALA A 209 3.70 -15.66 -17.05
CA ALA A 209 3.23 -16.73 -17.93
C ALA A 209 4.10 -17.99 -17.81
N GLY A 210 4.50 -18.32 -16.59
CA GLY A 210 5.30 -19.51 -16.37
C GLY A 210 6.79 -19.41 -16.71
N ARG A 211 7.22 -18.28 -17.25
CA ARG A 211 8.63 -18.12 -17.56
C ARG A 211 9.27 -17.15 -16.57
N VAL A 212 10.59 -17.05 -16.59
CA VAL A 212 11.28 -16.13 -15.71
C VAL A 212 11.50 -14.88 -16.52
N ALA A 213 10.90 -13.76 -16.10
CA ALA A 213 11.08 -12.50 -16.81
C ALA A 213 12.49 -11.98 -16.51
N GLN A 214 12.89 -12.04 -15.24
CA GLN A 214 14.20 -11.55 -14.83
C GLN A 214 14.54 -11.97 -13.42
N VAL A 215 15.83 -12.00 -13.10
CA VAL A 215 16.28 -12.37 -11.76
C VAL A 215 17.36 -11.38 -11.31
N GLY A 216 17.35 -11.02 -10.04
CA GLY A 216 18.35 -10.08 -9.55
C GLY A 216 18.00 -9.41 -8.24
N LYS A 217 18.86 -8.46 -7.85
CA LYS A 217 18.66 -7.72 -6.62
C LYS A 217 17.56 -6.72 -6.90
N PRO A 218 16.87 -6.27 -5.83
CA PRO A 218 15.79 -5.30 -5.99
C PRO A 218 16.23 -4.08 -6.79
N LEU A 219 17.40 -3.54 -6.46
CA LEU A 219 17.90 -2.36 -7.14
C LEU A 219 18.24 -2.61 -8.61
N GLU A 220 18.59 -3.86 -8.94
CA GLU A 220 18.93 -4.22 -10.33
C GLU A 220 17.64 -4.21 -11.16
N LEU A 221 16.59 -4.81 -10.61
CA LEU A 221 15.30 -4.82 -11.29
C LEU A 221 14.80 -3.37 -11.44
N TYR A 222 15.04 -2.55 -10.42
CA TYR A 222 14.59 -1.17 -10.46
C TYR A 222 15.26 -0.31 -11.51
N HIS A 223 16.60 -0.28 -11.51
CA HIS A 223 17.35 0.53 -12.47
C HIS A 223 17.55 -0.08 -13.86
N TYR A 224 17.55 -1.41 -13.94
CA TYR A 224 17.78 -2.07 -15.21
C TYR A 224 16.76 -3.13 -15.62
N PRO A 225 15.47 -2.77 -15.71
CA PRO A 225 14.54 -3.83 -16.12
C PRO A 225 14.91 -4.32 -17.52
N ALA A 226 14.93 -5.63 -17.71
CA ALA A 226 15.28 -6.21 -19.00
C ALA A 226 14.22 -6.00 -20.09
N ASP A 227 12.99 -5.72 -19.69
CA ASP A 227 11.93 -5.49 -20.68
C ASP A 227 10.79 -4.72 -20.05
N ARG A 228 9.83 -4.35 -20.90
CA ARG A 228 8.65 -3.57 -20.54
C ARG A 228 7.89 -4.18 -19.36
N PHE A 229 7.70 -5.49 -19.39
CA PHE A 229 6.97 -6.16 -18.34
C PHE A 229 7.54 -5.87 -16.97
N VAL A 230 8.83 -6.11 -16.79
CA VAL A 230 9.49 -5.88 -15.51
C VAL A 230 9.53 -4.40 -15.19
N ALA A 231 9.70 -3.58 -16.22
CA ALA A 231 9.78 -2.14 -16.04
C ALA A 231 8.51 -1.59 -15.38
N GLY A 232 7.36 -2.15 -15.73
CA GLY A 232 6.10 -1.69 -15.16
C GLY A 232 5.58 -2.51 -13.99
N PHE A 233 6.24 -3.61 -13.70
CA PHE A 233 5.83 -4.47 -12.59
C PHE A 233 6.45 -4.03 -11.25
N ILE A 234 7.63 -3.40 -11.30
CA ILE A 234 8.28 -2.93 -10.09
C ILE A 234 8.17 -1.40 -10.00
N GLY A 235 7.63 -0.93 -8.89
CA GLY A 235 7.46 0.50 -8.72
C GLY A 235 6.05 0.97 -9.00
N SER A 236 5.51 1.76 -8.07
CA SER A 236 4.18 2.32 -8.18
C SER A 236 4.13 3.65 -7.45
N PRO A 237 3.48 4.66 -8.05
CA PRO A 237 2.83 4.54 -9.35
C PRO A 237 3.78 4.13 -10.49
N LYS A 238 3.21 3.42 -11.45
CA LYS A 238 3.88 2.86 -12.63
C LYS A 238 4.68 3.82 -13.52
N MET A 239 5.74 3.27 -14.12
CA MET A 239 6.61 4.00 -15.03
C MET A 239 5.82 4.57 -16.21
N ASN A 240 6.21 5.75 -16.68
CA ASN A 240 5.56 6.37 -17.82
C ASN A 240 6.18 5.80 -19.09
N PHE A 241 5.38 5.65 -20.15
CA PHE A 241 5.88 5.16 -21.43
C PHE A 241 5.46 6.15 -22.52
N LEU A 242 6.43 6.72 -23.24
CA LEU A 242 6.09 7.67 -24.31
C LEU A 242 6.55 7.10 -25.64
N PRO A 243 5.75 7.30 -26.70
CA PRO A 243 6.08 6.80 -28.04
C PRO A 243 7.16 7.67 -28.72
N VAL A 244 8.23 7.05 -29.21
CA VAL A 244 9.31 7.81 -29.89
C VAL A 244 9.81 7.10 -31.16
N LYS A 245 10.50 7.85 -32.03
CA LYS A 245 11.08 7.30 -33.25
C LYS A 245 12.61 7.52 -33.26
N VAL A 246 13.36 6.52 -33.74
CA VAL A 246 14.82 6.66 -33.77
C VAL A 246 15.26 7.55 -34.94
N THR A 247 16.09 8.54 -34.66
CA THR A 247 16.57 9.47 -35.68
C THR A 247 18.08 9.40 -35.93
N ALA A 248 18.81 8.73 -35.05
CA ALA A 248 20.25 8.63 -35.19
C ALA A 248 20.82 7.52 -34.31
N THR A 249 22.12 7.28 -34.47
CA THR A 249 22.79 6.21 -33.74
C THR A 249 24.30 6.40 -33.73
N ALA A 250 24.88 6.42 -32.54
CA ALA A 250 26.32 6.56 -32.40
C ALA A 250 26.75 5.26 -31.70
N ILE A 251 27.94 5.23 -31.12
CA ILE A 251 28.35 4.00 -30.46
C ILE A 251 27.77 4.00 -29.06
N ASP A 252 26.78 3.14 -28.84
CA ASP A 252 26.12 3.03 -27.55
C ASP A 252 25.36 4.28 -27.15
N GLN A 253 24.66 4.91 -28.10
CA GLN A 253 23.88 6.09 -27.75
C GLN A 253 22.42 6.15 -28.25
N VAL A 254 22.15 6.29 -29.53
CA VAL A 254 20.73 6.34 -29.96
C VAL A 254 19.99 7.63 -29.63
N GLN A 255 19.62 8.36 -30.68
CA GLN A 255 18.89 9.59 -30.53
C GLN A 255 17.44 9.33 -30.97
N VAL A 256 16.49 9.74 -30.13
CA VAL A 256 15.08 9.54 -30.42
C VAL A 256 14.36 10.87 -30.59
N GLU A 257 13.16 10.83 -31.14
CA GLU A 257 12.38 12.04 -31.36
C GLU A 257 11.13 11.98 -30.49
N LEU A 258 10.88 13.04 -29.72
CA LEU A 258 9.72 13.10 -28.83
C LEU A 258 8.43 13.46 -29.56
N PRO A 259 7.31 12.83 -29.14
CA PRO A 259 5.97 13.02 -29.72
C PRO A 259 5.37 14.42 -29.76
N MET A 260 5.66 15.23 -28.75
CA MET A 260 5.09 16.57 -28.72
C MET A 260 5.40 17.34 -29.99
N PRO A 261 4.67 18.44 -30.22
CA PRO A 261 4.90 19.25 -31.42
C PRO A 261 6.38 19.65 -31.33
N ASN A 262 6.89 20.33 -32.35
CA ASN A 262 8.30 20.75 -32.35
C ASN A 262 9.27 19.58 -32.15
N ARG A 263 8.73 18.36 -32.30
CA ARG A 263 9.47 17.12 -32.17
C ARG A 263 10.95 17.23 -31.83
N GLN A 264 11.23 17.46 -30.56
CA GLN A 264 12.59 17.60 -30.05
C GLN A 264 13.36 16.29 -30.07
N GLN A 265 14.67 16.37 -30.29
CA GLN A 265 15.48 15.16 -30.34
C GLN A 265 16.41 15.09 -29.14
N VAL A 266 16.54 13.88 -28.58
CA VAL A 266 17.33 13.68 -27.40
C VAL A 266 18.16 12.42 -27.51
N TRP A 267 19.40 12.47 -27.02
CA TRP A 267 20.27 11.29 -27.04
C TRP A 267 20.14 10.53 -25.72
N LEU A 268 20.11 9.20 -25.78
CA LEU A 268 20.03 8.41 -24.55
C LEU A 268 21.24 7.49 -24.43
N PRO A 269 21.86 7.41 -23.25
CA PRO A 269 23.04 6.55 -23.04
C PRO A 269 22.57 5.11 -23.01
N VAL A 270 22.06 4.63 -24.14
CA VAL A 270 21.50 3.30 -24.22
C VAL A 270 22.20 2.31 -25.16
N GLU A 271 22.10 1.02 -24.83
CA GLU A 271 22.73 -0.07 -25.60
C GLU A 271 23.02 0.15 -27.08
N SER A 272 22.02 0.53 -27.88
CA SER A 272 22.28 0.79 -29.31
C SER A 272 22.59 -0.42 -30.22
N ARG A 273 22.94 -1.54 -29.64
CA ARG A 273 23.28 -2.77 -30.40
C ARG A 273 22.68 -2.73 -31.83
N ASP A 274 21.42 -3.10 -31.91
CA ASP A 274 20.66 -3.10 -33.18
C ASP A 274 19.39 -2.31 -32.99
N VAL A 275 19.32 -1.15 -33.61
CA VAL A 275 18.14 -0.28 -33.48
C VAL A 275 17.56 0.13 -34.84
N GLN A 276 18.37 0.71 -35.70
CA GLN A 276 17.92 1.11 -37.06
C GLN A 276 17.08 2.40 -37.05
N VAL A 277 17.64 3.43 -37.65
CA VAL A 277 16.96 4.74 -37.74
C VAL A 277 15.56 4.58 -38.36
N GLY A 278 14.59 5.21 -37.71
CA GLY A 278 13.20 5.20 -38.20
C GLY A 278 12.30 4.28 -37.37
N ALA A 279 12.90 3.38 -36.63
CA ALA A 279 12.15 2.41 -35.81
C ALA A 279 11.24 3.13 -34.79
N ASN A 280 10.12 2.48 -34.48
CA ASN A 280 9.15 3.00 -33.48
C ASN A 280 9.42 2.30 -32.15
N MET A 281 9.81 3.09 -31.15
CA MET A 281 10.14 2.51 -29.83
C MET A 281 9.37 3.21 -28.71
N SER A 282 9.56 2.66 -27.52
CA SER A 282 8.89 3.12 -26.29
C SER A 282 9.94 3.64 -25.27
N LEU A 283 9.78 4.90 -24.90
CA LEU A 283 10.69 5.56 -23.92
C LEU A 283 10.03 5.58 -22.53
N GLY A 284 10.73 5.02 -21.55
CA GLY A 284 10.22 4.93 -20.17
C GLY A 284 10.96 5.88 -19.22
N ILE A 285 10.17 6.57 -18.41
CA ILE A 285 10.70 7.49 -17.38
C ILE A 285 9.77 7.43 -16.15
N ARG A 286 10.37 7.08 -15.03
CA ARG A 286 9.62 6.95 -13.77
C ARG A 286 9.21 8.32 -13.22
N PRO A 287 8.01 8.42 -12.62
CA PRO A 287 7.50 9.68 -12.04
C PRO A 287 8.44 10.31 -11.01
N GLU A 288 9.18 9.54 -10.25
CA GLU A 288 10.10 10.11 -9.24
C GLU A 288 11.30 10.80 -9.91
N HIS A 289 11.65 10.31 -11.08
CA HIS A 289 12.86 10.77 -11.80
C HIS A 289 12.64 11.95 -12.73
N LEU A 290 11.41 12.38 -12.88
CA LEU A 290 11.14 13.58 -13.69
C LEU A 290 11.62 14.76 -12.86
N LEU A 291 11.89 15.89 -13.49
CA LEU A 291 12.43 17.03 -12.73
C LEU A 291 11.48 18.24 -12.71
N PRO A 292 11.74 19.19 -11.79
CA PRO A 292 10.93 20.40 -11.58
C PRO A 292 10.89 21.35 -12.77
N SER A 293 11.43 20.95 -13.90
CA SER A 293 11.38 21.81 -15.13
C SER A 293 12.29 23.06 -15.06
N ASP A 294 12.70 23.44 -13.87
CA ASP A 294 13.59 24.60 -13.70
C ASP A 294 14.87 24.41 -14.54
N ILE A 295 15.23 23.16 -14.67
CA ILE A 295 16.40 22.72 -15.45
C ILE A 295 16.02 22.63 -16.94
N ALA A 296 16.65 23.48 -17.72
CA ALA A 296 16.41 23.63 -19.19
C ALA A 296 16.18 22.28 -19.91
N ASP A 297 17.16 21.92 -20.73
CA ASP A 297 17.14 20.68 -21.56
C ASP A 297 15.73 20.40 -22.14
N VAL A 298 15.28 19.16 -21.97
CA VAL A 298 13.97 18.71 -22.53
C VAL A 298 12.80 18.99 -21.58
N ILE A 299 11.80 19.70 -22.10
CA ILE A 299 10.62 20.08 -21.30
C ILE A 299 9.31 19.62 -21.93
N LEU A 300 8.54 18.91 -21.10
CA LEU A 300 7.19 18.43 -21.46
C LEU A 300 6.18 19.32 -20.74
N GLU A 301 5.13 19.70 -21.44
CA GLU A 301 4.12 20.61 -20.88
C GLU A 301 2.69 20.17 -21.21
N GLY A 302 1.81 20.36 -20.24
CA GLY A 302 0.38 19.98 -20.40
C GLY A 302 -0.50 20.72 -19.38
N GLU A 303 -1.70 20.19 -19.22
CA GLU A 303 -2.71 20.72 -18.30
C GLU A 303 -2.93 19.74 -17.15
N VAL A 304 -2.97 20.28 -15.95
CA VAL A 304 -3.14 19.47 -14.73
C VAL A 304 -4.55 18.85 -14.67
N GLN A 305 -4.56 17.53 -14.57
CA GLN A 305 -5.80 16.76 -14.51
C GLN A 305 -6.15 16.37 -13.07
N VAL A 306 -5.12 16.04 -12.31
CA VAL A 306 -5.29 15.62 -10.91
C VAL A 306 -4.10 16.06 -10.04
N VAL A 307 -4.42 16.32 -8.79
CA VAL A 307 -3.42 16.69 -7.78
C VAL A 307 -3.72 16.00 -6.46
N GLU A 308 -2.73 15.30 -5.96
CA GLU A 308 -2.87 14.57 -4.69
C GLU A 308 -1.86 15.08 -3.68
N GLN A 309 -2.38 15.54 -2.56
CA GLN A 309 -1.53 16.01 -1.45
C GLN A 309 -1.49 14.90 -0.41
N LEU A 310 -0.35 14.23 -0.35
CA LEU A 310 -0.17 13.08 0.56
C LEU A 310 0.67 13.42 1.79
N GLY A 311 1.05 14.67 1.91
CA GLY A 311 1.84 15.13 3.07
C GLY A 311 3.34 14.97 2.82
N ASN A 312 3.79 13.73 2.70
CA ASN A 312 5.21 13.44 2.48
C ASN A 312 5.61 13.81 1.04
N GLU A 313 4.65 13.73 0.13
CA GLU A 313 4.89 14.06 -1.29
C GLU A 313 3.59 14.51 -1.98
N THR A 314 3.74 14.88 -3.25
CA THR A 314 2.61 15.35 -4.08
C THR A 314 2.66 14.71 -5.46
N GLN A 315 1.54 14.15 -5.87
CA GLN A 315 1.45 13.50 -7.18
C GLN A 315 0.54 14.30 -8.12
N ILE A 316 1.11 14.64 -9.26
CA ILE A 316 0.39 15.41 -10.29
C ILE A 316 0.14 14.54 -11.52
N HIS A 317 -1.04 14.67 -12.08
CA HIS A 317 -1.40 13.95 -13.31
C HIS A 317 -1.59 14.99 -14.42
N ILE A 318 -0.65 15.01 -15.34
CA ILE A 318 -0.67 15.99 -16.44
C ILE A 318 -1.06 15.33 -17.77
N GLN A 319 -1.77 16.09 -18.57
CA GLN A 319 -2.18 15.63 -19.90
C GLN A 319 -1.44 16.41 -20.97
N ILE A 320 -0.45 15.75 -21.55
CA ILE A 320 0.38 16.36 -22.60
C ILE A 320 -0.24 16.21 -23.97
N PRO A 321 -0.42 17.32 -24.70
CA PRO A 321 -0.98 17.31 -26.04
C PRO A 321 -0.08 16.56 -27.01
N SER A 322 -0.56 15.39 -27.42
CA SER A 322 0.12 14.50 -28.39
C SER A 322 0.76 13.29 -27.67
N ILE A 323 -0.07 12.75 -26.81
CA ILE A 323 0.17 11.54 -25.98
C ILE A 323 -1.20 11.14 -25.39
N ARG A 324 -1.53 9.88 -25.56
CA ARG A 324 -2.85 9.34 -25.17
C ARG A 324 -3.05 9.26 -23.64
N GLN A 325 -2.06 8.79 -22.92
CA GLN A 325 -2.20 8.60 -21.45
C GLN A 325 -1.56 9.76 -20.68
N ASN A 326 -2.23 10.12 -19.58
CA ASN A 326 -1.76 11.20 -18.70
C ASN A 326 -0.37 10.83 -18.17
N LEU A 327 0.48 11.84 -18.13
CA LEU A 327 1.84 11.69 -17.59
C LEU A 327 1.74 11.86 -16.07
N VAL A 328 2.32 10.95 -15.31
CA VAL A 328 2.25 11.03 -13.84
C VAL A 328 3.57 11.56 -13.24
N TYR A 329 3.44 12.69 -12.54
CA TYR A 329 4.59 13.35 -11.89
C TYR A 329 4.55 13.13 -10.37
N ARG A 330 5.73 13.17 -9.77
CA ARG A 330 5.90 12.91 -8.33
C ARG A 330 7.07 13.75 -7.78
N GLN A 331 6.77 14.50 -6.73
CA GLN A 331 7.77 15.38 -6.09
C GLN A 331 7.53 15.41 -4.59
N ASN A 332 8.51 15.91 -3.85
CA ASN A 332 8.41 15.92 -2.39
C ASN A 332 7.90 17.25 -1.85
N ASP A 333 7.30 17.08 -0.69
CA ASP A 333 6.67 18.15 0.07
C ASP A 333 5.37 18.56 -0.63
N VAL A 334 5.21 19.86 -0.79
CA VAL A 334 3.95 20.43 -1.31
C VAL A 334 3.82 20.53 -2.85
N VAL A 335 4.22 21.68 -3.40
CA VAL A 335 3.98 21.99 -4.83
C VAL A 335 2.49 22.24 -4.97
N LEU A 336 2.11 23.48 -4.80
CA LEU A 336 0.70 23.91 -4.82
C LEU A 336 0.26 24.24 -6.25
N VAL A 337 -0.54 23.36 -6.82
CA VAL A 337 -1.08 23.55 -8.18
C VAL A 337 -2.57 23.23 -8.21
N GLU A 338 -3.26 23.92 -9.11
CA GLU A 338 -4.71 23.75 -9.29
C GLU A 338 -5.01 23.04 -10.61
N GLU A 339 -6.01 22.19 -10.58
CA GLU A 339 -6.47 21.47 -11.77
C GLU A 339 -6.73 22.50 -12.87
N GLY A 340 -6.61 22.05 -14.10
CA GLY A 340 -6.88 22.92 -15.26
C GLY A 340 -5.69 23.84 -15.57
N ALA A 341 -4.80 24.00 -14.61
CA ALA A 341 -3.60 24.86 -14.79
C ALA A 341 -2.56 24.13 -15.66
N THR A 342 -1.72 24.91 -16.33
CA THR A 342 -0.65 24.34 -17.17
C THR A 342 0.59 24.14 -16.32
N PHE A 343 1.14 22.95 -16.41
CA PHE A 343 2.33 22.56 -15.62
C PHE A 343 3.41 22.00 -16.55
N ALA A 344 4.64 22.31 -16.23
CA ALA A 344 5.81 21.85 -17.04
C ALA A 344 6.80 21.08 -16.16
N ILE A 345 7.33 20.00 -16.73
CA ILE A 345 8.32 19.14 -16.04
C ILE A 345 9.48 18.82 -16.98
N GLY A 346 10.63 18.53 -16.39
CA GLY A 346 11.87 18.21 -17.14
C GLY A 346 12.00 16.70 -17.37
N LEU A 347 12.71 16.36 -18.45
CA LEU A 347 12.93 14.95 -18.87
C LEU A 347 14.45 14.69 -18.93
N PRO A 348 15.06 14.07 -17.87
CA PRO A 348 16.50 13.77 -17.82
C PRO A 348 16.92 12.59 -18.67
N PRO A 349 17.64 12.75 -19.79
CA PRO A 349 18.05 11.60 -20.60
C PRO A 349 18.80 10.50 -19.85
N GLU A 350 19.51 10.80 -18.78
CA GLU A 350 20.28 9.76 -18.06
C GLU A 350 19.37 8.77 -17.30
N ARG A 351 18.13 9.14 -17.04
CA ARG A 351 17.23 8.28 -16.25
C ARG A 351 16.14 7.61 -17.11
N CYS A 352 16.25 7.79 -18.41
CA CYS A 352 15.28 7.23 -19.37
C CYS A 352 15.65 5.79 -19.78
N HIS A 353 14.60 5.04 -20.11
CA HIS A 353 14.72 3.66 -20.61
C HIS A 353 14.15 3.61 -22.04
N LEU A 354 14.72 2.73 -22.84
CA LEU A 354 14.28 2.56 -24.24
C LEU A 354 13.93 1.09 -24.50
N PHE A 355 12.72 0.88 -24.98
CA PHE A 355 12.20 -0.46 -25.27
C PHE A 355 11.87 -0.61 -26.76
N ARG A 356 12.27 -1.75 -27.28
CA ARG A 356 12.05 -2.11 -28.69
C ARG A 356 10.62 -2.60 -28.88
N GLU A 357 10.34 -3.04 -30.09
CA GLU A 357 9.00 -3.53 -30.47
C GLU A 357 8.63 -4.79 -29.67
N ASP A 358 9.62 -5.64 -29.43
CA ASP A 358 9.38 -6.89 -28.67
C ASP A 358 9.26 -6.60 -27.17
N GLY A 359 9.50 -5.35 -26.82
CA GLY A 359 9.39 -4.89 -25.44
C GLY A 359 10.69 -5.09 -24.66
N THR A 360 11.69 -5.63 -25.34
CA THR A 360 13.02 -5.85 -24.73
C THR A 360 13.71 -4.48 -24.61
N ALA A 361 14.45 -4.31 -23.54
CA ALA A 361 15.14 -3.03 -23.23
C ALA A 361 16.53 -2.96 -23.88
N CYS A 362 16.76 -1.81 -24.54
CA CYS A 362 18.07 -1.52 -25.17
C CYS A 362 18.96 -0.84 -24.09
N ARG A 363 19.46 -1.74 -23.26
CA ARG A 363 20.33 -1.51 -22.07
C ARG A 363 20.80 -0.07 -21.86
N ARG A 364 20.76 0.29 -20.58
CA ARG A 364 21.21 1.58 -20.02
C ARG A 364 22.72 1.50 -19.78
N LEU A 365 23.40 2.58 -20.10
CA LEU A 365 24.86 2.64 -19.94
C LEU A 365 25.26 3.58 -18.80
N HIS A 366 24.25 4.12 -18.15
CA HIS A 366 24.48 5.01 -17.01
C HIS A 366 24.90 4.15 -15.83
N LYS A 367 25.19 4.80 -14.74
CA LYS A 367 25.63 4.07 -13.57
C LYS A 367 24.82 4.45 -12.37
N GLU A 368 24.71 3.49 -11.47
CA GLU A 368 23.95 3.73 -10.27
C GLU A 368 24.35 2.80 -9.10
N PRO A 369 23.81 3.20 -7.97
CA PRO A 369 24.25 2.82 -6.61
C PRO A 369 24.39 1.38 -6.27
N GLY A 370 23.74 0.53 -6.93
CA GLY A 370 23.90 -0.87 -6.61
C GLY A 370 24.28 -1.61 -7.87
N VAL B 4 -25.54 19.00 3.96
CA VAL B 4 -25.60 18.11 5.17
C VAL B 4 -24.94 18.66 6.45
N GLN B 5 -25.69 18.60 7.55
CA GLN B 5 -25.21 19.07 8.85
C GLN B 5 -25.68 18.13 9.96
N LEU B 6 -24.76 17.77 10.85
CA LEU B 6 -25.07 16.90 11.97
C LEU B 6 -24.96 17.73 13.23
N GLN B 7 -25.84 17.49 14.19
CA GLN B 7 -25.82 18.28 15.42
C GLN B 7 -26.10 17.43 16.66
N ASN B 8 -25.03 17.07 17.35
CA ASN B 8 -25.12 16.27 18.56
C ASN B 8 -25.87 14.98 18.31
N VAL B 9 -25.63 14.39 17.15
CA VAL B 9 -26.28 13.16 16.78
C VAL B 9 -25.73 12.00 17.58
N THR B 10 -26.59 11.34 18.35
CA THR B 10 -26.15 10.17 19.13
C THR B 10 -26.97 8.93 18.79
N LYS B 11 -26.37 7.77 18.99
CA LYS B 11 -27.00 6.49 18.71
C LYS B 11 -26.65 5.52 19.80
N ALA B 12 -27.67 5.00 20.47
CA ALA B 12 -27.43 4.05 21.54
C ALA B 12 -28.51 2.98 21.62
N TRP B 13 -28.13 1.83 22.17
CA TRP B 13 -29.03 0.70 22.38
C TRP B 13 -29.08 0.51 23.89
N GLY B 14 -30.17 0.96 24.51
CA GLY B 14 -30.30 0.85 25.95
C GLY B 14 -29.36 1.84 26.61
N GLU B 15 -28.13 1.41 26.85
CA GLU B 15 -27.11 2.27 27.48
C GLU B 15 -25.80 2.22 26.69
N VAL B 16 -25.72 1.27 25.77
CA VAL B 16 -24.54 1.12 24.94
C VAL B 16 -24.57 2.25 23.92
N VAL B 17 -23.51 3.06 23.89
CA VAL B 17 -23.44 4.17 22.95
C VAL B 17 -22.46 3.87 21.81
N VAL B 18 -22.98 3.81 20.59
CA VAL B 18 -22.17 3.51 19.42
C VAL B 18 -21.80 4.76 18.62
N SER B 19 -22.50 5.85 18.87
CA SER B 19 -22.24 7.11 18.18
C SER B 19 -22.39 8.25 19.21
N LYS B 20 -21.27 8.79 19.66
CA LYS B 20 -21.25 9.85 20.67
C LYS B 20 -21.45 11.28 20.12
N ASP B 21 -22.64 11.83 20.33
CA ASP B 21 -22.97 13.18 19.83
C ASP B 21 -21.97 13.73 18.81
N ILE B 22 -22.30 13.51 17.55
CA ILE B 22 -21.46 13.91 16.45
C ILE B 22 -21.85 15.24 15.83
N ASN B 23 -20.85 16.09 15.63
CA ASN B 23 -21.07 17.41 15.03
C ASN B 23 -20.31 17.47 13.73
N LEU B 24 -21.02 17.75 12.64
CA LEU B 24 -20.37 17.85 11.34
C LEU B 24 -21.09 18.93 10.56
N ASP B 25 -20.40 19.52 9.61
CA ASP B 25 -20.97 20.56 8.77
C ASP B 25 -20.42 20.28 7.38
N ILE B 26 -21.16 19.57 6.55
CA ILE B 26 -20.70 19.28 5.22
C ILE B 26 -21.25 20.27 4.18
N HIS B 27 -20.37 21.11 3.65
CA HIS B 27 -20.74 22.13 2.66
C HIS B 27 -21.09 21.48 1.32
N GLU B 28 -21.98 22.12 0.56
CA GLU B 28 -22.38 21.57 -0.71
C GLU B 28 -21.26 21.29 -1.71
N GLY B 29 -21.31 20.11 -2.33
CA GLY B 29 -20.32 19.74 -3.32
C GLY B 29 -19.09 19.04 -2.77
N GLU B 30 -18.93 19.08 -1.45
CA GLU B 30 -17.78 18.45 -0.80
C GLU B 30 -17.76 16.94 -0.89
N PHE B 31 -16.56 16.39 -1.03
CA PHE B 31 -16.38 14.95 -1.09
C PHE B 31 -15.84 14.58 0.30
N VAL B 32 -16.69 14.03 1.15
CA VAL B 32 -16.26 13.69 2.49
C VAL B 32 -16.03 12.22 2.66
N VAL B 33 -15.01 11.86 3.43
CA VAL B 33 -14.73 10.45 3.70
C VAL B 33 -14.50 10.22 5.21
N PHE B 34 -15.25 9.26 5.72
CA PHE B 34 -15.20 8.86 7.12
C PHE B 34 -14.12 7.78 7.22
N VAL B 35 -13.06 8.02 8.00
CA VAL B 35 -12.02 7.00 8.18
C VAL B 35 -11.87 6.66 9.65
N GLY B 36 -11.32 5.49 9.89
CA GLY B 36 -11.11 5.04 11.25
C GLY B 36 -10.96 3.53 11.28
N PRO B 37 -10.40 2.98 12.36
CA PRO B 37 -10.19 1.54 12.54
C PRO B 37 -11.50 0.76 12.56
N SER B 38 -11.38 -0.56 12.47
CA SER B 38 -12.54 -1.43 12.47
C SER B 38 -13.39 -1.29 13.73
N GLY B 39 -14.67 -1.01 13.52
CA GLY B 39 -15.58 -0.87 14.63
C GLY B 39 -15.57 0.49 15.30
N CYS B 40 -15.17 1.53 14.58
CA CYS B 40 -15.15 2.86 15.17
C CYS B 40 -16.52 3.52 15.03
N GLY B 41 -17.38 2.94 14.19
CA GLY B 41 -18.71 3.47 13.99
C GLY B 41 -18.90 4.28 12.72
N LYS B 42 -17.98 4.14 11.78
CA LYS B 42 -18.07 4.87 10.51
C LYS B 42 -19.23 4.40 9.63
N SER B 43 -19.53 3.11 9.63
CA SER B 43 -20.64 2.64 8.81
C SER B 43 -21.99 2.94 9.46
N THR B 44 -22.11 2.72 10.76
CA THR B 44 -23.37 3.02 11.45
C THR B 44 -23.71 4.50 11.24
N LEU B 45 -22.69 5.35 11.28
CA LEU B 45 -22.91 6.78 11.10
C LEU B 45 -23.47 7.02 9.69
N LEU B 46 -22.85 6.41 8.68
CA LEU B 46 -23.32 6.61 7.31
C LEU B 46 -24.78 6.13 7.17
N ARG B 47 -25.03 4.90 7.61
CA ARG B 47 -26.37 4.33 7.56
C ARG B 47 -27.38 5.25 8.24
N MET B 48 -26.98 5.93 9.31
CA MET B 48 -27.88 6.86 9.98
C MET B 48 -28.31 8.01 9.03
N ILE B 49 -27.33 8.58 8.32
CA ILE B 49 -27.60 9.65 7.37
C ILE B 49 -28.51 9.13 6.25
N ALA B 50 -28.30 7.87 5.86
CA ALA B 50 -29.09 7.27 4.79
C ALA B 50 -30.53 7.01 5.21
N GLY B 51 -30.73 6.64 6.47
CA GLY B 51 -32.05 6.35 6.97
C GLY B 51 -32.23 4.86 7.22
N LEU B 52 -31.13 4.11 7.17
CA LEU B 52 -31.19 2.67 7.37
C LEU B 52 -31.04 2.28 8.82
N GLU B 53 -30.81 3.29 9.66
CA GLU B 53 -30.66 3.12 11.11
C GLU B 53 -31.23 4.39 11.73
N THR B 54 -31.84 4.24 12.90
CA THR B 54 -32.45 5.40 13.57
C THR B 54 -31.45 6.21 14.36
N ILE B 55 -31.78 7.49 14.56
CA ILE B 55 -30.97 8.41 15.35
C ILE B 55 -31.67 8.51 16.72
N THR B 56 -31.03 8.11 17.82
CA THR B 56 -31.71 8.16 19.12
C THR B 56 -31.94 9.59 19.63
N SER B 57 -30.97 10.48 19.39
CA SER B 57 -31.10 11.88 19.79
C SER B 57 -30.17 12.71 18.91
N GLY B 58 -30.52 13.99 18.72
CA GLY B 58 -29.70 14.84 17.90
C GLY B 58 -30.47 15.28 16.68
N ASP B 59 -29.90 16.18 15.88
CA ASP B 59 -30.55 16.69 14.69
C ASP B 59 -29.79 16.41 13.40
N LEU B 60 -30.46 15.87 12.40
CA LEU B 60 -29.81 15.63 11.13
C LEU B 60 -30.41 16.58 10.10
N PHE B 61 -29.62 17.53 9.64
CA PHE B 61 -30.12 18.47 8.63
C PHE B 61 -29.55 18.13 7.26
N ILE B 62 -30.42 18.06 6.26
CA ILE B 62 -30.01 17.81 4.89
C ILE B 62 -30.68 18.88 4.04
N GLY B 63 -29.86 19.73 3.43
CA GLY B 63 -30.40 20.79 2.63
C GLY B 63 -30.54 22.02 3.50
N GLU B 64 -31.21 21.89 4.63
CA GLU B 64 -31.38 23.00 5.55
C GLU B 64 -32.51 22.68 6.52
N LYS B 65 -33.22 21.59 6.24
CA LYS B 65 -34.33 21.15 7.06
C LYS B 65 -34.09 19.78 7.73
N ARG B 66 -34.61 19.67 8.95
CA ARG B 66 -34.51 18.44 9.75
C ARG B 66 -35.04 17.26 8.95
N MET B 67 -34.27 16.18 8.93
CA MET B 67 -34.65 15.00 8.13
C MET B 67 -35.05 13.82 9.00
N ASN B 68 -34.76 13.87 10.30
CA ASN B 68 -35.27 12.79 11.16
C ASN B 68 -36.78 12.88 11.01
N ASP B 69 -37.47 11.78 11.16
CA ASP B 69 -38.93 11.79 11.06
C ASP B 69 -39.41 11.75 9.60
N THR B 70 -38.51 12.06 8.67
CA THR B 70 -38.85 12.05 7.24
C THR B 70 -38.45 10.72 6.60
N PRO B 71 -39.38 10.07 5.88
CA PRO B 71 -39.11 8.78 5.21
C PRO B 71 -37.80 8.86 4.44
N PRO B 72 -36.93 7.85 4.60
CA PRO B 72 -35.65 7.87 3.89
C PRO B 72 -35.67 8.16 2.38
N ALA B 73 -36.76 7.80 1.71
CA ALA B 73 -36.87 8.03 0.27
C ALA B 73 -37.08 9.51 -0.11
N GLU B 74 -37.71 10.27 0.78
CA GLU B 74 -37.97 11.68 0.52
C GLU B 74 -36.96 12.62 1.18
N ARG B 75 -35.77 12.11 1.47
CA ARG B 75 -34.73 12.91 2.10
C ARG B 75 -33.81 13.57 1.09
N GLY B 76 -33.74 12.99 -0.11
CA GLY B 76 -32.88 13.54 -1.13
C GLY B 76 -31.52 12.87 -1.09
N VAL B 77 -31.39 11.83 -0.27
CA VAL B 77 -30.12 11.13 -0.18
C VAL B 77 -30.20 9.81 -0.94
N GLY B 78 -29.08 9.43 -1.57
CA GLY B 78 -29.02 8.19 -2.32
C GLY B 78 -27.88 7.28 -1.88
N MET B 79 -28.23 6.14 -1.27
CA MET B 79 -27.22 5.17 -0.84
C MET B 79 -26.96 4.21 -1.99
N VAL B 80 -25.80 3.54 -1.98
CA VAL B 80 -25.47 2.57 -3.03
C VAL B 80 -25.51 1.22 -2.35
N PHE B 81 -26.46 0.37 -2.75
CA PHE B 81 -26.60 -0.95 -2.13
C PHE B 81 -25.74 -2.06 -2.72
N GLN B 82 -24.54 -2.21 -2.16
CA GLN B 82 -23.61 -3.22 -2.64
C GLN B 82 -24.09 -4.68 -2.55
N SER B 83 -25.23 -4.93 -1.92
CA SER B 83 -25.72 -6.30 -1.80
C SER B 83 -27.10 -6.54 -2.42
N TYR B 84 -27.59 -5.54 -3.16
CA TYR B 84 -28.90 -5.67 -3.80
C TYR B 84 -28.68 -6.33 -5.16
N ALA B 85 -28.70 -7.66 -5.17
CA ALA B 85 -28.49 -8.45 -6.37
C ALA B 85 -29.35 -8.01 -7.57
N LEU B 86 -28.71 -7.83 -8.73
CA LEU B 86 -29.43 -7.43 -9.94
C LEU B 86 -30.55 -8.42 -10.25
N TYR B 87 -31.64 -7.92 -10.81
CA TYR B 87 -32.77 -8.77 -11.18
C TYR B 87 -32.45 -9.54 -12.45
N PRO B 88 -32.06 -10.82 -12.32
CA PRO B 88 -31.74 -11.61 -13.50
C PRO B 88 -32.95 -11.60 -14.44
N HIS B 89 -32.70 -11.79 -15.73
CA HIS B 89 -33.77 -11.80 -16.72
C HIS B 89 -34.28 -10.37 -16.96
N LEU B 90 -33.42 -9.40 -16.66
CA LEU B 90 -33.77 -7.99 -16.86
C LEU B 90 -32.55 -7.26 -17.43
N SER B 91 -32.81 -6.33 -18.33
CA SER B 91 -31.73 -5.58 -18.94
C SER B 91 -31.17 -4.51 -17.98
N VAL B 92 -29.94 -4.08 -18.23
CA VAL B 92 -29.28 -3.08 -17.41
C VAL B 92 -30.21 -1.88 -17.25
N ALA B 93 -31.00 -1.58 -18.29
CA ALA B 93 -31.92 -0.46 -18.24
C ALA B 93 -33.11 -0.77 -17.35
N GLU B 94 -33.60 -2.00 -17.42
CA GLU B 94 -34.73 -2.42 -16.61
C GLU B 94 -34.36 -2.47 -15.13
N ASN B 95 -33.11 -2.83 -14.85
CA ASN B 95 -32.64 -2.89 -13.47
C ASN B 95 -32.47 -1.50 -12.90
N MET B 96 -31.90 -0.60 -13.70
CA MET B 96 -31.67 0.77 -13.27
C MET B 96 -32.98 1.53 -13.10
N SER B 97 -33.94 1.26 -13.98
CA SER B 97 -35.23 1.94 -13.94
C SER B 97 -36.23 1.23 -13.02
N PHE B 98 -35.95 -0.03 -12.72
CA PHE B 98 -36.83 -0.83 -11.88
C PHE B 98 -37.50 -0.04 -10.76
N GLY B 99 -36.69 0.56 -9.88
CA GLY B 99 -37.21 1.33 -8.78
C GLY B 99 -38.03 2.54 -9.19
N LEU B 100 -37.76 3.06 -10.38
CA LEU B 100 -38.52 4.22 -10.85
C LEU B 100 -39.87 3.78 -11.41
N LYS B 101 -40.10 2.46 -11.39
CA LYS B 101 -41.36 1.90 -11.86
C LYS B 101 -42.42 1.88 -10.75
N LEU B 102 -42.17 1.15 -9.67
CA LEU B 102 -43.18 1.08 -8.60
C LEU B 102 -43.53 2.50 -8.12
N ALA B 103 -42.56 3.40 -8.26
CA ALA B 103 -42.73 4.80 -7.84
C ALA B 103 -43.83 5.49 -8.67
N GLY B 104 -43.94 5.07 -9.93
CA GLY B 104 -44.99 5.57 -10.83
C GLY B 104 -44.45 6.48 -11.95
N ALA B 105 -43.16 6.47 -12.14
CA ALA B 105 -42.52 7.31 -13.19
C ALA B 105 -43.13 7.01 -14.56
N LYS B 106 -42.94 7.94 -15.49
CA LYS B 106 -43.43 7.82 -16.86
C LYS B 106 -42.28 7.31 -17.72
N LYS B 107 -42.58 6.53 -18.77
CA LYS B 107 -41.52 6.04 -19.65
C LYS B 107 -40.66 7.20 -20.11
N GLU B 108 -41.27 8.39 -20.21
CA GLU B 108 -40.55 9.57 -20.64
C GLU B 108 -39.37 9.86 -19.72
N VAL B 109 -39.63 10.15 -18.45
CA VAL B 109 -38.56 10.45 -17.50
C VAL B 109 -37.63 9.24 -17.35
N ILE B 110 -38.23 8.05 -17.24
CA ILE B 110 -37.45 6.82 -17.12
C ILE B 110 -36.39 6.74 -18.21
N ASN B 111 -36.85 6.61 -19.45
CA ASN B 111 -35.95 6.53 -20.60
C ASN B 111 -35.46 7.92 -21.00
N GLN B 112 -34.84 8.60 -20.06
CA GLN B 112 -34.29 9.94 -20.28
C GLN B 112 -33.28 10.19 -19.16
N ARG B 113 -33.59 9.60 -18.01
CA ARG B 113 -32.72 9.69 -16.85
C ARG B 113 -31.83 8.46 -16.90
N VAL B 114 -32.29 7.45 -17.64
CA VAL B 114 -31.53 6.22 -17.81
C VAL B 114 -30.46 6.41 -18.89
N ASN B 115 -30.66 7.38 -19.77
CA ASN B 115 -29.70 7.64 -20.82
C ASN B 115 -28.66 8.64 -20.34
N GLN B 116 -29.04 9.42 -19.32
CA GLN B 116 -28.13 10.41 -18.75
C GLN B 116 -27.14 9.76 -17.80
N VAL B 117 -27.61 8.84 -16.96
CA VAL B 117 -26.73 8.15 -16.04
C VAL B 117 -25.90 7.17 -16.84
N ALA B 118 -26.48 6.69 -17.95
CA ALA B 118 -25.82 5.73 -18.83
C ALA B 118 -24.55 6.34 -19.43
N GLU B 119 -24.51 7.68 -19.49
CA GLU B 119 -23.35 8.37 -20.03
C GLU B 119 -22.27 8.51 -18.97
N VAL B 120 -22.57 9.24 -17.90
CA VAL B 120 -21.60 9.44 -16.82
C VAL B 120 -20.95 8.12 -16.36
N LEU B 121 -21.69 7.02 -16.42
CA LEU B 121 -21.18 5.72 -15.99
C LEU B 121 -20.71 4.81 -17.13
N GLN B 122 -20.82 5.31 -18.36
CA GLN B 122 -20.40 4.54 -19.55
C GLN B 122 -21.08 3.16 -19.60
N LEU B 123 -22.39 3.17 -19.85
CA LEU B 123 -23.17 1.92 -19.93
C LEU B 123 -24.17 1.96 -21.10
N ALA B 124 -24.26 3.10 -21.77
CA ALA B 124 -25.18 3.26 -22.90
C ALA B 124 -25.13 2.06 -23.86
N HIS B 125 -23.92 1.58 -24.12
CA HIS B 125 -23.71 0.47 -25.05
C HIS B 125 -23.96 -0.91 -24.42
N LEU B 126 -24.38 -0.92 -23.16
CA LEU B 126 -24.66 -2.16 -22.43
C LEU B 126 -26.06 -2.16 -21.86
N LEU B 127 -26.77 -1.06 -22.03
CA LEU B 127 -28.12 -0.91 -21.50
C LEU B 127 -28.98 -2.16 -21.63
N ASP B 128 -29.37 -2.50 -22.86
CA ASP B 128 -30.20 -3.69 -23.05
C ASP B 128 -29.35 -4.96 -23.10
N ARG B 129 -28.85 -5.34 -21.92
CA ARG B 129 -28.02 -6.53 -21.78
C ARG B 129 -28.46 -7.27 -20.51
N LYS B 130 -28.22 -8.58 -20.49
CA LYS B 130 -28.59 -9.37 -19.33
C LYS B 130 -27.42 -9.29 -18.36
N PRO B 131 -27.69 -9.32 -17.04
CA PRO B 131 -26.62 -9.24 -16.04
C PRO B 131 -25.64 -10.40 -16.19
N LYS B 132 -26.20 -11.57 -16.49
CA LYS B 132 -25.46 -12.80 -16.70
C LYS B 132 -24.31 -12.62 -17.72
N ALA B 133 -24.43 -11.60 -18.56
CA ALA B 133 -23.43 -11.30 -19.58
C ALA B 133 -22.53 -10.13 -19.24
N LEU B 134 -22.66 -9.61 -18.01
CA LEU B 134 -21.85 -8.48 -17.57
C LEU B 134 -20.71 -8.90 -16.64
N SER B 135 -19.57 -8.19 -16.74
CA SER B 135 -18.41 -8.48 -15.90
C SER B 135 -18.56 -7.84 -14.52
N GLY B 136 -17.82 -8.33 -13.54
CA GLY B 136 -17.89 -7.77 -12.20
C GLY B 136 -17.73 -6.25 -12.17
N GLY B 137 -16.69 -5.77 -12.85
CA GLY B 137 -16.41 -4.34 -12.90
C GLY B 137 -17.59 -3.48 -13.38
N GLN B 138 -18.37 -4.00 -14.33
CA GLN B 138 -19.51 -3.25 -14.85
C GLN B 138 -20.82 -3.49 -14.09
N ARG B 139 -20.85 -4.54 -13.27
CA ARG B 139 -22.01 -4.84 -12.44
C ARG B 139 -22.02 -3.83 -11.31
N GLN B 140 -20.81 -3.50 -10.85
CA GLN B 140 -20.62 -2.54 -9.78
C GLN B 140 -21.19 -1.20 -10.25
N ARG B 141 -20.86 -0.83 -11.49
CA ARG B 141 -21.35 0.43 -12.05
C ARG B 141 -22.87 0.48 -12.23
N VAL B 142 -23.49 -0.65 -12.50
CA VAL B 142 -24.94 -0.68 -12.66
C VAL B 142 -25.59 -0.28 -11.33
N ALA B 143 -25.00 -0.77 -10.24
CA ALA B 143 -25.48 -0.48 -8.90
C ALA B 143 -25.45 1.04 -8.67
N ILE B 144 -24.35 1.67 -9.09
CA ILE B 144 -24.21 3.10 -8.94
C ILE B 144 -25.24 3.82 -9.81
N GLY B 145 -25.40 3.33 -11.03
CA GLY B 145 -26.37 3.92 -11.95
C GLY B 145 -27.76 3.76 -11.38
N ARG B 146 -27.94 2.67 -10.66
CA ARG B 146 -29.22 2.39 -10.04
C ARG B 146 -29.59 3.55 -9.08
N THR B 147 -28.65 3.94 -8.21
CA THR B 147 -28.93 5.01 -7.24
C THR B 147 -28.87 6.41 -7.85
N LEU B 148 -28.23 6.54 -9.01
CA LEU B 148 -28.12 7.84 -9.67
C LEU B 148 -29.37 8.29 -10.43
N VAL B 149 -30.21 7.37 -10.91
CA VAL B 149 -31.41 7.78 -11.65
C VAL B 149 -32.47 8.39 -10.75
N ALA B 150 -32.42 8.11 -9.44
CA ALA B 150 -33.36 8.65 -8.48
C ALA B 150 -32.96 10.10 -8.22
N GLU B 151 -31.90 10.51 -8.91
CA GLU B 151 -31.33 11.85 -8.85
C GLU B 151 -31.24 12.45 -7.45
N PRO B 152 -30.42 11.84 -6.58
CA PRO B 152 -30.25 12.31 -5.21
C PRO B 152 -29.40 13.57 -5.22
N SER B 153 -29.35 14.26 -4.09
CA SER B 153 -28.55 15.47 -3.97
C SER B 153 -27.29 15.17 -3.14
N VAL B 154 -27.33 14.07 -2.39
CA VAL B 154 -26.23 13.62 -1.56
C VAL B 154 -25.98 12.15 -1.92
N PHE B 155 -24.80 11.86 -2.48
CA PHE B 155 -24.45 10.50 -2.87
C PHE B 155 -23.78 9.83 -1.67
N LEU B 156 -24.16 8.62 -1.32
CA LEU B 156 -23.55 7.93 -0.18
C LEU B 156 -23.05 6.55 -0.53
N LEU B 157 -21.76 6.32 -0.35
CA LEU B 157 -21.17 5.02 -0.66
C LEU B 157 -20.43 4.45 0.57
N ASP B 158 -20.63 3.17 0.87
CA ASP B 158 -19.98 2.55 2.02
C ASP B 158 -18.75 1.73 1.57
N GLU B 159 -18.03 1.16 2.53
CA GLU B 159 -16.82 0.37 2.25
C GLU B 159 -16.99 -0.82 1.33
N PRO B 160 -16.21 -0.86 0.24
CA PRO B 160 -16.28 -1.98 -0.70
C PRO B 160 -15.77 -3.24 0.01
N LEU B 161 -16.58 -4.29 0.09
CA LEU B 161 -16.13 -5.52 0.76
C LEU B 161 -14.93 -6.18 0.05
N SER B 162 -14.37 -5.49 -0.93
CA SER B 162 -13.18 -5.99 -1.64
C SER B 162 -12.04 -6.04 -0.63
N ASN B 163 -10.88 -5.63 -1.04
CA ASN B 163 -9.81 -5.50 -0.07
C ASN B 163 -9.29 -4.07 -0.23
N LEU B 164 -8.22 -3.89 -0.94
CA LEU B 164 -7.73 -2.52 -1.23
C LEU B 164 -6.85 -2.60 -2.46
N ASP B 165 -6.22 -3.75 -2.60
CA ASP B 165 -5.39 -4.04 -3.78
C ASP B 165 -6.25 -4.81 -4.79
N ALA B 166 -7.39 -5.29 -4.29
CA ALA B 166 -8.37 -6.04 -5.09
C ALA B 166 -8.85 -5.15 -6.26
N ALA B 167 -8.50 -5.60 -7.44
CA ALA B 167 -8.79 -4.89 -8.71
C ALA B 167 -10.19 -4.26 -8.74
N LEU B 168 -11.16 -4.96 -8.19
CA LEU B 168 -12.56 -4.48 -8.18
C LEU B 168 -12.71 -3.20 -7.35
N ARG B 169 -11.88 -3.07 -6.30
CA ARG B 169 -11.91 -1.90 -5.43
C ARG B 169 -11.14 -0.73 -6.03
N VAL B 170 -10.16 -1.04 -6.87
CA VAL B 170 -9.36 -0.01 -7.52
C VAL B 170 -10.26 0.67 -8.55
N GLN B 171 -11.13 -0.14 -9.16
CA GLN B 171 -12.08 0.36 -10.16
C GLN B 171 -13.01 1.34 -9.45
N MET B 172 -13.65 0.84 -8.39
CA MET B 172 -14.56 1.60 -7.56
C MET B 172 -13.96 2.97 -7.23
N ARG B 173 -12.75 2.95 -6.68
CA ARG B 173 -12.04 4.17 -6.30
C ARG B 173 -11.89 5.16 -7.46
N ILE B 174 -11.56 4.65 -8.64
CA ILE B 174 -11.40 5.47 -9.83
C ILE B 174 -12.72 6.04 -10.29
N GLU B 175 -13.75 5.21 -10.21
CA GLU B 175 -15.08 5.62 -10.61
C GLU B 175 -15.59 6.72 -9.65
N ILE B 176 -15.35 6.52 -8.36
CA ILE B 176 -15.77 7.47 -7.33
C ILE B 176 -15.24 8.88 -7.61
N SER B 177 -13.92 8.98 -7.82
CA SER B 177 -13.31 10.27 -8.11
C SER B 177 -13.75 10.85 -9.46
N ARG B 178 -13.91 9.98 -10.45
CA ARG B 178 -14.34 10.39 -11.78
C ARG B 178 -15.73 11.01 -11.66
N LEU B 179 -16.61 10.28 -10.97
CA LEU B 179 -17.98 10.73 -10.74
C LEU B 179 -18.02 12.08 -10.02
N HIS B 180 -17.09 12.27 -9.08
CA HIS B 180 -17.04 13.55 -8.35
C HIS B 180 -16.65 14.66 -9.31
N LYS B 181 -15.54 14.45 -10.02
CA LYS B 181 -15.09 15.43 -11.00
C LYS B 181 -15.93 15.12 -12.23
N ARG B 182 -17.19 15.54 -12.20
CA ARG B 182 -18.12 15.29 -13.28
C ARG B 182 -19.47 15.90 -12.91
N LEU B 183 -20.00 15.52 -11.75
CA LEU B 183 -21.29 16.04 -11.27
C LEU B 183 -21.11 17.05 -10.15
N GLY B 184 -19.95 17.01 -9.50
CA GLY B 184 -19.64 17.92 -8.43
C GLY B 184 -20.62 17.91 -7.27
N ARG B 185 -21.40 16.84 -7.15
CA ARG B 185 -22.39 16.71 -6.09
C ARG B 185 -21.79 16.27 -4.75
N THR B 186 -22.49 16.58 -3.66
CA THR B 186 -22.02 16.21 -2.34
C THR B 186 -21.94 14.69 -2.23
N MET B 187 -20.79 14.19 -1.79
CA MET B 187 -20.59 12.75 -1.63
C MET B 187 -20.01 12.42 -0.27
N ILE B 188 -20.28 11.19 0.20
CA ILE B 188 -19.75 10.72 1.47
C ILE B 188 -19.33 9.25 1.32
N TYR B 189 -18.02 9.02 1.44
CA TYR B 189 -17.42 7.69 1.31
C TYR B 189 -16.84 7.23 2.64
N VAL B 190 -16.83 5.92 2.86
CA VAL B 190 -16.31 5.34 4.11
C VAL B 190 -15.22 4.30 3.79
N THR B 191 -14.12 4.35 4.55
CA THR B 191 -13.01 3.40 4.37
C THR B 191 -12.22 3.30 5.66
N HIS B 192 -11.41 2.26 5.78
CA HIS B 192 -10.59 2.06 6.99
C HIS B 192 -9.14 2.35 6.62
N ASP B 193 -8.92 2.60 5.33
CA ASP B 193 -7.58 2.85 4.80
C ASP B 193 -7.25 4.33 4.69
N GLN B 194 -6.27 4.72 5.49
CA GLN B 194 -5.78 6.08 5.56
C GLN B 194 -5.35 6.67 4.21
N VAL B 195 -4.72 5.87 3.37
CA VAL B 195 -4.26 6.35 2.06
C VAL B 195 -5.41 6.70 1.12
N GLU B 196 -6.42 5.85 1.10
CA GLU B 196 -7.58 6.07 0.25
C GLU B 196 -8.13 7.44 0.65
N ALA B 197 -8.27 7.67 1.96
CA ALA B 197 -8.79 8.93 2.48
C ALA B 197 -7.99 10.12 1.99
N MET B 198 -6.68 10.13 2.26
CA MET B 198 -5.83 11.23 1.82
C MET B 198 -5.87 11.45 0.30
N THR B 199 -6.21 10.41 -0.45
CA THR B 199 -6.25 10.53 -1.90
C THR B 199 -7.54 11.12 -2.50
N LEU B 200 -8.70 10.71 -2.01
CA LEU B 200 -9.98 11.15 -2.62
C LEU B 200 -10.67 12.36 -1.95
N ALA B 201 -10.48 12.48 -0.65
CA ALA B 201 -11.19 13.47 0.19
C ALA B 201 -10.88 14.95 -0.10
N ASP B 202 -11.92 15.72 0.20
CA ASP B 202 -11.94 17.19 0.16
C ASP B 202 -11.84 17.64 1.62
N LYS B 203 -12.42 16.76 2.42
CA LYS B 203 -12.50 16.86 3.87
C LYS B 203 -12.56 15.43 4.44
N ILE B 204 -11.85 15.23 5.54
CA ILE B 204 -11.78 13.91 6.19
C ILE B 204 -12.26 13.98 7.63
N VAL B 205 -13.04 12.98 8.06
CA VAL B 205 -13.43 12.95 9.47
C VAL B 205 -12.97 11.62 10.06
N VAL B 206 -11.92 11.73 10.88
CA VAL B 206 -11.33 10.58 11.57
C VAL B 206 -12.24 10.21 12.73
N LEU B 207 -12.57 8.92 12.81
CA LEU B 207 -13.42 8.43 13.87
C LEU B 207 -12.68 7.46 14.76
N ASP B 208 -12.98 7.53 16.05
CA ASP B 208 -12.34 6.64 17.03
C ASP B 208 -13.28 6.33 18.20
N ALA B 209 -13.55 5.04 18.39
CA ALA B 209 -14.43 4.61 19.46
C ALA B 209 -15.76 5.38 19.43
N GLY B 210 -16.29 5.60 18.24
CA GLY B 210 -17.56 6.30 18.12
C GLY B 210 -17.55 7.82 18.17
N ARG B 211 -16.42 8.42 18.52
CA ARG B 211 -16.35 9.88 18.57
C ARG B 211 -15.58 10.40 17.36
N VAL B 212 -15.55 11.71 17.21
CA VAL B 212 -14.83 12.30 16.10
C VAL B 212 -13.48 12.74 16.63
N ALA B 213 -12.41 12.10 16.14
CA ALA B 213 -11.06 12.45 16.58
C ALA B 213 -10.71 13.83 16.03
N GLN B 214 -11.05 14.07 14.76
CA GLN B 214 -10.74 15.36 14.14
C GLN B 214 -11.39 15.45 12.77
N VAL B 215 -11.54 16.67 12.26
CA VAL B 215 -12.14 16.88 10.94
C VAL B 215 -11.36 17.97 10.21
N GLY B 216 -11.06 17.75 8.94
CA GLY B 216 -10.35 18.77 8.19
C GLY B 216 -9.83 18.27 6.85
N LYS B 217 -9.11 19.15 6.15
CA LYS B 217 -8.52 18.81 4.86
C LYS B 217 -7.40 17.82 5.17
N PRO B 218 -7.01 16.99 4.20
CA PRO B 218 -5.95 16.00 4.41
C PRO B 218 -4.65 16.64 4.92
N LEU B 219 -4.28 17.76 4.32
CA LEU B 219 -3.06 18.43 4.72
C LEU B 219 -3.13 18.94 6.15
N GLU B 220 -4.34 19.28 6.60
CA GLU B 220 -4.51 19.78 7.96
C GLU B 220 -4.30 18.67 8.98
N LEU B 221 -4.74 17.45 8.66
CA LEU B 221 -4.59 16.32 9.57
C LEU B 221 -3.12 15.87 9.67
N TYR B 222 -2.42 16.00 8.55
CA TYR B 222 -1.03 15.61 8.43
C TYR B 222 -0.05 16.54 9.14
N HIS B 223 -0.22 17.85 8.97
CA HIS B 223 0.68 18.81 9.61
C HIS B 223 0.28 19.17 11.01
N TYR B 224 -1.00 19.01 11.34
CA TYR B 224 -1.49 19.40 12.66
C TYR B 224 -2.40 18.42 13.40
N PRO B 225 -2.01 17.15 13.53
CA PRO B 225 -2.93 16.26 14.25
C PRO B 225 -3.36 16.89 15.58
N ALA B 226 -4.63 16.73 15.92
CA ALA B 226 -5.14 17.29 17.16
C ALA B 226 -4.64 16.47 18.33
N ASP B 227 -4.42 15.17 18.12
CA ASP B 227 -3.92 14.33 19.21
C ASP B 227 -3.05 13.17 18.73
N ARG B 228 -2.53 12.39 19.68
CA ARG B 228 -1.67 11.26 19.39
C ARG B 228 -2.31 10.27 18.41
N PHE B 229 -3.57 9.91 18.66
CA PHE B 229 -4.28 8.98 17.80
C PHE B 229 -4.21 9.40 16.34
N VAL B 230 -4.68 10.61 16.05
CA VAL B 230 -4.65 11.09 14.68
C VAL B 230 -3.19 11.16 14.19
N ALA B 231 -2.30 11.66 15.05
CA ALA B 231 -0.89 11.81 14.68
C ALA B 231 -0.29 10.54 14.06
N GLY B 232 -0.69 9.40 14.60
CA GLY B 232 -0.18 8.12 14.11
C GLY B 232 -1.14 7.29 13.27
N PHE B 233 -2.29 7.87 12.90
CA PHE B 233 -3.24 7.16 12.06
C PHE B 233 -2.98 7.57 10.59
N ILE B 234 -2.65 8.84 10.36
CA ILE B 234 -2.37 9.37 9.02
C ILE B 234 -0.88 9.30 8.80
N GLY B 235 -0.47 8.74 7.67
CA GLY B 235 0.94 8.63 7.36
C GLY B 235 1.53 7.25 7.67
N SER B 236 2.37 6.78 6.75
CA SER B 236 3.02 5.47 6.90
C SER B 236 4.22 5.37 5.98
N PRO B 237 5.36 4.87 6.52
CA PRO B 237 5.49 4.42 7.92
C PRO B 237 5.15 5.49 8.98
N LYS B 238 4.59 5.02 10.08
CA LYS B 238 4.16 5.83 11.23
C LYS B 238 5.14 6.82 11.87
N MET B 239 4.56 7.85 12.48
CA MET B 239 5.31 8.90 13.17
C MET B 239 6.11 8.33 14.32
N ASN B 240 7.32 8.85 14.52
CA ASN B 240 8.16 8.40 15.62
C ASN B 240 7.73 9.12 16.90
N PHE B 241 7.74 8.42 18.02
CA PHE B 241 7.38 9.05 19.31
C PHE B 241 8.52 8.85 20.31
N LEU B 242 9.10 9.95 20.78
CA LEU B 242 10.19 9.86 21.76
C LEU B 242 9.76 10.47 23.05
N PRO B 243 10.08 9.83 24.18
CA PRO B 243 9.72 10.34 25.52
C PRO B 243 10.60 11.56 25.91
N VAL B 244 9.98 12.62 26.41
CA VAL B 244 10.72 13.83 26.80
C VAL B 244 10.18 14.49 28.08
N LYS B 245 10.98 15.34 28.70
CA LYS B 245 10.56 16.02 29.92
C LYS B 245 10.64 17.52 29.73
N VAL B 246 9.67 18.26 30.27
CA VAL B 246 9.68 19.70 30.12
C VAL B 246 10.68 20.34 31.06
N THR B 247 11.55 21.18 30.53
CA THR B 247 12.55 21.82 31.37
C THR B 247 12.39 23.34 31.45
N ALA B 248 11.55 23.90 30.57
CA ALA B 248 11.34 25.34 30.54
C ALA B 248 10.05 25.72 29.79
N THR B 249 9.73 27.02 29.80
CA THR B 249 8.54 27.57 29.17
C THR B 249 8.65 29.05 28.90
N ALA B 250 8.46 29.45 27.65
CA ALA B 250 8.49 30.88 27.28
C ALA B 250 7.12 31.16 26.72
N ILE B 251 6.95 32.28 26.02
CA ILE B 251 5.62 32.54 25.48
C ILE B 251 5.48 31.76 24.16
N ASP B 252 4.72 30.69 24.22
CA ASP B 252 4.43 29.83 23.05
C ASP B 252 5.67 29.12 22.51
N GLN B 253 6.41 28.57 23.41
CA GLN B 253 7.63 27.81 23.14
C GLN B 253 7.93 27.03 24.40
N VAL B 254 8.07 25.75 24.26
CA VAL B 254 8.34 24.88 25.39
C VAL B 254 9.69 24.21 25.16
N GLN B 255 10.51 24.12 26.19
CA GLN B 255 11.81 23.45 26.04
C GLN B 255 11.73 22.06 26.63
N VAL B 256 12.12 21.05 25.85
CA VAL B 256 12.09 19.67 26.32
C VAL B 256 13.49 19.07 26.38
N GLU B 257 13.62 17.99 27.12
CA GLU B 257 14.89 17.30 27.28
C GLU B 257 14.85 15.93 26.61
N LEU B 258 15.80 15.68 25.70
CA LEU B 258 15.84 14.39 25.01
C LEU B 258 16.40 13.26 25.87
N PRO B 259 15.80 12.06 25.77
CA PRO B 259 16.17 10.85 26.52
C PRO B 259 17.62 10.32 26.40
N MET B 260 18.26 10.49 25.25
CA MET B 260 19.63 10.01 25.07
C MET B 260 20.55 10.58 26.15
N PRO B 261 21.74 9.96 26.33
CA PRO B 261 22.69 10.46 27.33
C PRO B 261 22.96 11.93 26.99
N ASN B 262 23.76 12.62 27.80
CA ASN B 262 24.06 14.04 27.56
C ASN B 262 22.77 14.88 27.42
N ARG B 263 21.64 14.26 27.77
CA ARG B 263 20.29 14.85 27.71
C ARG B 263 20.23 16.28 27.15
N GLN B 264 20.20 16.39 25.83
CA GLN B 264 20.16 17.67 25.13
C GLN B 264 18.81 18.34 25.27
N GLN B 265 18.82 19.67 25.33
CA GLN B 265 17.58 20.42 25.46
C GLN B 265 17.28 21.20 24.19
N VAL B 266 16.02 21.13 23.77
CA VAL B 266 15.59 21.78 22.55
C VAL B 266 14.30 22.54 22.77
N TRP B 267 14.18 23.69 22.11
CA TRP B 267 12.96 24.49 22.20
C TRP B 267 12.08 24.10 21.00
N LEU B 268 10.75 24.06 21.22
CA LEU B 268 9.81 23.73 20.15
C LEU B 268 8.77 24.84 20.02
N PRO B 269 8.49 25.33 18.80
CA PRO B 269 7.52 26.41 18.59
C PRO B 269 6.11 25.86 18.82
N VAL B 270 5.85 25.44 20.05
CA VAL B 270 4.58 24.83 20.39
C VAL B 270 3.70 25.60 21.37
N GLU B 271 2.39 25.38 21.25
CA GLU B 271 1.35 26.02 22.06
C GLU B 271 1.74 26.55 23.42
N SER B 272 2.25 25.68 24.30
CA SER B 272 2.69 26.13 25.63
C SER B 272 1.61 26.47 26.67
N ARG B 273 0.37 26.64 26.21
CA ARG B 273 -0.77 26.96 27.08
C ARG B 273 -0.54 26.57 28.53
N ASP B 274 -0.71 25.28 28.82
CA ASP B 274 -0.50 24.78 30.17
C ASP B 274 0.36 23.56 30.06
N VAL B 275 1.61 23.68 30.47
CA VAL B 275 2.52 22.55 30.39
C VAL B 275 3.18 22.16 31.71
N GLN B 276 3.74 23.13 32.44
CA GLN B 276 4.39 22.83 33.71
C GLN B 276 5.74 22.15 33.58
N VAL B 277 6.79 22.83 34.02
CA VAL B 277 8.14 22.26 33.96
C VAL B 277 8.16 20.94 34.73
N GLY B 278 8.88 19.95 34.17
CA GLY B 278 8.97 18.66 34.81
C GLY B 278 8.04 17.58 34.27
N ALA B 279 6.98 18.00 33.58
CA ALA B 279 6.01 17.07 33.01
C ALA B 279 6.65 16.09 32.02
N ASN B 280 6.06 14.89 31.94
CA ASN B 280 6.52 13.84 31.02
C ASN B 280 5.64 13.91 29.78
N MET B 281 6.24 14.14 28.63
CA MET B 281 5.45 14.24 27.42
C MET B 281 5.98 13.41 26.26
N SER B 282 5.27 13.45 25.14
CA SER B 282 5.65 12.68 23.96
C SER B 282 6.02 13.60 22.78
N LEU B 283 7.21 13.40 22.22
CA LEU B 283 7.65 14.19 21.08
C LEU B 283 7.49 13.38 19.76
N GLY B 284 6.77 13.92 18.79
CA GLY B 284 6.59 13.19 17.54
C GLY B 284 7.34 13.79 16.38
N ILE B 285 7.98 12.95 15.58
CA ILE B 285 8.70 13.45 14.40
C ILE B 285 8.51 12.38 13.32
N ARG B 286 8.04 12.78 12.15
CA ARG B 286 7.81 11.82 11.07
C ARG B 286 9.15 11.49 10.40
N PRO B 287 9.28 10.26 9.89
CA PRO B 287 10.47 9.71 9.19
C PRO B 287 10.96 10.57 8.03
N GLU B 288 10.03 11.08 7.24
CA GLU B 288 10.33 11.94 6.08
C GLU B 288 10.98 13.27 6.51
N HIS B 289 10.65 13.73 7.71
CA HIS B 289 11.10 15.07 8.19
C HIS B 289 12.42 15.07 8.94
N LEU B 290 12.94 13.90 9.25
CA LEU B 290 14.26 13.81 9.89
C LEU B 290 15.25 14.26 8.83
N LEU B 291 16.44 14.64 9.23
CA LEU B 291 17.41 15.16 8.25
C LEU B 291 18.71 14.38 8.18
N PRO B 292 19.46 14.54 7.07
CA PRO B 292 20.75 13.88 6.82
C PRO B 292 21.86 14.13 7.82
N SER B 293 21.53 14.70 8.98
CA SER B 293 22.54 14.91 10.02
C SER B 293 23.64 15.91 9.68
N ASP B 294 23.90 16.11 8.39
CA ASP B 294 24.93 17.04 7.95
C ASP B 294 24.71 18.37 8.67
N ILE B 295 23.44 18.66 8.93
CA ILE B 295 23.01 19.87 9.63
C ILE B 295 23.20 19.71 11.15
N ALA B 296 24.06 20.54 11.72
CA ALA B 296 24.37 20.51 13.15
C ALA B 296 23.21 20.28 14.13
N ASP B 297 22.83 21.35 14.85
CA ASP B 297 21.75 21.31 15.85
C ASP B 297 21.64 20.01 16.67
N VAL B 298 20.44 19.42 16.73
CA VAL B 298 20.22 18.18 17.50
C VAL B 298 20.55 16.93 16.70
N ILE B 299 21.43 16.08 17.23
CA ILE B 299 21.79 14.85 16.52
C ILE B 299 21.47 13.55 17.26
N LEU B 300 20.75 12.65 16.59
CA LEU B 300 20.40 11.34 17.15
C LEU B 300 21.27 10.32 16.44
N GLU B 301 21.85 9.39 17.20
CA GLU B 301 22.75 8.38 16.64
C GLU B 301 22.58 6.97 17.20
N GLY B 302 22.79 5.97 16.36
CA GLY B 302 22.64 4.59 16.81
C GLY B 302 23.17 3.58 15.81
N GLU B 303 22.70 2.34 15.93
CA GLU B 303 23.12 1.25 15.04
C GLU B 303 22.01 0.83 14.07
N VAL B 304 22.38 0.69 12.79
CA VAL B 304 21.43 0.29 11.77
C VAL B 304 20.93 -1.15 11.95
N GLN B 305 19.63 -1.29 12.14
CA GLN B 305 19.01 -2.61 12.32
C GLN B 305 18.44 -3.19 11.02
N VAL B 306 17.98 -2.30 10.13
CA VAL B 306 17.37 -2.69 8.85
C VAL B 306 17.57 -1.62 7.79
N VAL B 307 17.69 -2.06 6.54
CA VAL B 307 17.84 -1.14 5.43
C VAL B 307 16.99 -1.64 4.29
N GLU B 308 16.11 -0.78 3.78
CA GLU B 308 15.26 -1.16 2.66
C GLU B 308 15.56 -0.29 1.44
N GLN B 309 15.88 -0.93 0.31
CA GLN B 309 16.14 -0.19 -0.92
C GLN B 309 14.89 -0.37 -1.78
N LEU B 310 14.11 0.69 -1.92
CA LEU B 310 12.88 0.67 -2.69
C LEU B 310 12.98 1.39 -4.03
N GLY B 311 14.17 1.85 -4.37
CA GLY B 311 14.34 2.53 -5.64
C GLY B 311 14.07 4.01 -5.58
N ASN B 312 12.81 4.36 -5.33
CA ASN B 312 12.41 5.75 -5.25
C ASN B 312 12.93 6.36 -3.96
N GLU B 313 13.08 5.55 -2.93
CA GLU B 313 13.59 6.00 -1.64
C GLU B 313 14.28 4.88 -0.87
N THR B 314 14.72 5.19 0.35
CA THR B 314 15.41 4.22 1.20
C THR B 314 14.90 4.33 2.63
N GLN B 315 14.58 3.21 3.25
CA GLN B 315 14.12 3.28 4.62
C GLN B 315 15.10 2.63 5.61
N ILE B 316 15.55 3.41 6.59
CA ILE B 316 16.51 2.91 7.56
C ILE B 316 15.84 2.75 8.91
N HIS B 317 16.16 1.66 9.62
CA HIS B 317 15.63 1.43 10.96
C HIS B 317 16.84 1.50 11.90
N ILE B 318 16.90 2.54 12.71
CA ILE B 318 18.01 2.74 13.62
C ILE B 318 17.62 2.47 15.08
N GLN B 319 18.56 1.95 15.86
CA GLN B 319 18.27 1.73 17.26
C GLN B 319 19.12 2.69 18.07
N ILE B 320 18.46 3.66 18.67
CA ILE B 320 19.17 4.65 19.47
C ILE B 320 19.25 4.18 20.92
N PRO B 321 20.44 4.31 21.52
CA PRO B 321 20.63 3.87 22.91
C PRO B 321 19.97 4.86 23.87
N SER B 322 18.92 4.37 24.48
CA SER B 322 18.10 5.05 25.51
C SER B 322 16.73 5.54 24.96
N ILE B 323 16.25 4.69 24.05
CA ILE B 323 14.86 4.67 23.47
C ILE B 323 14.53 3.16 23.17
N ARG B 324 13.33 2.72 23.58
CA ARG B 324 12.86 1.29 23.46
C ARG B 324 12.58 0.87 22.00
N GLN B 325 11.88 1.70 21.24
CA GLN B 325 11.56 1.37 19.85
C GLN B 325 12.54 1.93 18.81
N ASN B 326 12.78 1.15 17.76
CA ASN B 326 13.67 1.58 16.68
C ASN B 326 13.17 2.89 16.06
N LEU B 327 14.07 3.82 15.81
CA LEU B 327 13.70 5.07 15.16
C LEU B 327 13.65 4.75 13.65
N VAL B 328 12.64 5.21 12.94
CA VAL B 328 12.54 4.92 11.50
C VAL B 328 12.86 6.15 10.66
N TYR B 329 13.85 6.03 9.78
CA TYR B 329 14.28 7.13 8.91
C TYR B 329 13.84 6.89 7.48
N ARG B 330 13.73 7.97 6.72
CA ARG B 330 13.28 7.89 5.34
C ARG B 330 13.94 9.00 4.52
N GLN B 331 14.57 8.63 3.41
CA GLN B 331 15.24 9.60 2.55
C GLN B 331 15.07 9.20 1.08
N ASN B 332 15.41 10.11 0.16
CA ASN B 332 15.27 9.81 -1.25
C ASN B 332 16.54 9.35 -1.93
N ASP B 333 16.27 8.54 -2.93
CA ASP B 333 17.26 7.89 -3.78
C ASP B 333 18.01 6.82 -2.96
N VAL B 334 19.31 6.84 -2.86
CA VAL B 334 19.94 5.63 -2.28
C VAL B 334 20.37 5.61 -0.83
N VAL B 335 21.47 6.26 -0.50
CA VAL B 335 21.97 6.20 0.88
C VAL B 335 22.40 4.75 1.11
N LEU B 336 23.66 4.46 0.84
CA LEU B 336 24.19 3.12 0.97
C LEU B 336 24.72 2.87 2.37
N VAL B 337 24.02 2.05 3.16
CA VAL B 337 24.44 1.77 4.52
C VAL B 337 24.29 0.27 4.80
N GLU B 338 25.12 -0.26 5.68
CA GLU B 338 25.04 -1.69 6.01
C GLU B 338 24.51 -1.85 7.42
N GLU B 339 23.80 -2.94 7.65
CA GLU B 339 23.27 -3.24 8.97
C GLU B 339 24.44 -3.25 9.94
N GLY B 340 24.15 -3.09 11.23
CA GLY B 340 25.19 -3.09 12.22
C GLY B 340 26.03 -1.82 12.27
N ALA B 341 26.05 -1.08 11.16
CA ALA B 341 26.81 0.16 11.11
C ALA B 341 26.14 1.25 11.99
N THR B 342 26.90 2.29 12.32
CA THR B 342 26.34 3.37 13.11
C THR B 342 25.91 4.46 12.14
N PHE B 343 24.74 5.04 12.39
CA PHE B 343 24.18 6.07 11.51
C PHE B 343 23.67 7.23 12.36
N ALA B 344 23.79 8.44 11.84
CA ALA B 344 23.32 9.64 12.55
C ALA B 344 22.37 10.48 11.70
N ILE B 345 21.32 11.00 12.33
CA ILE B 345 20.32 11.84 11.66
C ILE B 345 19.99 13.09 12.48
N GLY B 346 19.58 14.15 11.80
CA GLY B 346 19.23 15.39 12.47
C GLY B 346 17.77 15.49 12.89
N LEU B 347 17.52 16.26 13.95
CA LEU B 347 16.18 16.44 14.49
C LEU B 347 15.79 17.92 14.41
N PRO B 348 14.90 18.29 13.46
CA PRO B 348 14.48 19.69 13.30
C PRO B 348 13.34 20.07 14.22
N PRO B 349 13.57 21.06 15.09
CA PRO B 349 12.53 21.53 16.03
C PRO B 349 11.24 22.01 15.35
N GLU B 350 11.37 22.66 14.19
CA GLU B 350 10.20 23.18 13.48
C GLU B 350 9.25 22.13 12.95
N ARG B 351 9.69 20.88 12.83
CA ARG B 351 8.82 19.85 12.30
C ARG B 351 8.35 18.91 13.40
N CYS B 352 8.71 19.14 14.67
CA CYS B 352 8.31 18.30 15.79
C CYS B 352 6.92 18.57 16.33
N HIS B 353 6.31 17.54 16.93
CA HIS B 353 4.99 17.63 17.55
C HIS B 353 5.20 17.32 19.04
N LEU B 354 4.36 17.90 19.89
CA LEU B 354 4.46 17.63 21.32
C LEU B 354 3.09 17.21 21.84
N PHE B 355 3.04 16.04 22.49
CA PHE B 355 1.79 15.53 23.04
C PHE B 355 1.85 15.40 24.56
N ARG B 356 0.78 15.79 25.23
CA ARG B 356 0.72 15.72 26.68
C ARG B 356 0.34 14.29 27.15
N GLU B 357 0.10 14.14 28.45
CA GLU B 357 -0.25 12.86 29.04
C GLU B 357 -1.59 12.33 28.49
N ASP B 358 -2.54 13.22 28.23
CA ASP B 358 -3.85 12.82 27.69
C ASP B 358 -3.74 12.52 26.19
N GLY B 359 -2.55 12.75 25.64
CA GLY B 359 -2.35 12.49 24.23
C GLY B 359 -2.74 13.67 23.37
N THR B 360 -3.29 14.70 23.97
CA THR B 360 -3.68 15.86 23.21
C THR B 360 -2.47 16.63 22.72
N ALA B 361 -2.58 17.03 21.48
CA ALA B 361 -1.55 17.81 20.84
C ALA B 361 -1.66 19.27 21.27
N CYS B 362 -0.74 19.64 22.12
CA CYS B 362 -0.64 21.03 22.58
C CYS B 362 0.38 21.69 21.70
N ARG B 363 0.00 22.26 20.56
CA ARG B 363 1.09 22.77 19.75
C ARG B 363 0.82 23.43 18.39
N ARG B 364 1.99 23.37 17.78
CA ARG B 364 2.45 23.79 16.44
C ARG B 364 1.93 25.14 15.97
N LEU B 365 2.87 26.06 16.11
CA LEU B 365 2.76 27.43 15.67
C LEU B 365 3.39 27.51 14.30
N HIS B 366 4.33 26.62 14.01
CA HIS B 366 5.00 26.63 12.71
C HIS B 366 4.04 26.45 11.54
N LYS B 367 4.05 27.41 10.61
CA LYS B 367 3.16 27.35 9.46
C LYS B 367 3.72 26.58 8.26
N GLU B 368 3.03 25.52 7.88
CA GLU B 368 3.34 24.72 6.71
C GLU B 368 2.40 25.05 5.55
N PRO B 369 2.90 25.45 4.38
CA PRO B 369 2.09 25.84 3.21
C PRO B 369 0.93 24.93 2.81
N GLY B 370 -0.17 25.03 3.55
CA GLY B 370 -1.35 24.23 3.33
C GLY B 370 -2.18 24.25 4.62
#